data_1R35
#
_entry.id   1R35
#
_cell.length_a   214.280
_cell.length_b   214.280
_cell.length_c   117.130
_cell.angle_alpha   90.00
_cell.angle_beta   90.00
_cell.angle_gamma   120.00
#
_symmetry.space_group_name_H-M   'P 61 2 2'
#
loop_
_entity.id
_entity.type
_entity.pdbx_description
1 polymer 'Nitric oxide synthase, inducible'
2 non-polymer 'SULFATE ION'
3 non-polymer 'PROTOPORPHYRIN IX CONTAINING FE'
4 non-polymer 5,6,7,8-TETRAHYDROBIOPTERIN
5 non-polymer 4R-FLUORO-N6-ETHANIMIDOYL-L-LYSINE
6 water water
#
_entity_poly.entity_id   1
_entity_poly.type   'polypeptide(L)'
_entity_poly.pdbx_seq_one_letter_code
;LDKLHVTSTRPQYVRIKNWGSGEILHDTLHHKATSDFTCKSKSCLGSIMNPKSLTRGPRDKPTPLEELLPHAIEFINQYY
GSFKEAKIEEHLARLEAVTKEIETTGTYQLTLDELIFATKMAWRNAPRCIGRIQWSNLQVFDARNCSTAQEMFQHICRHI
LYATNNGNIRSAITVFPQRSDGKHDFRLWNSQLIRYAGYQMPDGTIRGDAATLEFTQLCIDLGWKPRYGRFDVLPLVLQA
DGQDPEVFEIPPDLVLEVTMEHPKYEWFQELGLKWYALPAVANMLLEVGGLEFPACPFNGWYMGTEIGVRDFCDTQRYNI
LEEVGRRMGLETHTLASLWKDRAVTEINVAVLHSFQKQNVTIMDHHTASESFMKHMQNEYRARGGCPADWIWLVPPVSGS
ITPVFHQEMLNYVLSPFYYYQIEPWKTHIWQNE
;
_entity_poly.pdbx_strand_id   A,B
#
loop_
_chem_comp.id
_chem_comp.type
_chem_comp.name
_chem_comp.formula
H4B non-polymer 5,6,7,8-TETRAHYDROBIOPTERIN 'C9 H15 N5 O3'
HEM non-polymer 'PROTOPORPHYRIN IX CONTAINING FE' 'C34 H32 Fe N4 O4'
SO4 non-polymer 'SULFATE ION' 'O4 S -2'
#
# COMPACT_ATOMS: atom_id res chain seq x y z
N GLN A 12 -9.02 -31.46 -17.31
CA GLN A 12 -8.15 -30.54 -18.09
C GLN A 12 -6.69 -30.65 -17.64
N TYR A 13 -5.92 -29.59 -17.86
CA TYR A 13 -4.52 -29.55 -17.48
C TYR A 13 -4.24 -29.48 -15.98
N VAL A 14 -3.11 -30.05 -15.58
CA VAL A 14 -2.66 -30.02 -14.20
C VAL A 14 -1.59 -28.94 -14.12
N ARG A 15 -1.74 -27.99 -13.20
CA ARG A 15 -0.78 -26.90 -13.06
C ARG A 15 0.45 -27.39 -12.29
N ILE A 16 1.62 -27.09 -12.83
CA ILE A 16 2.90 -27.51 -12.24
C ILE A 16 3.79 -26.28 -12.07
N LYS A 17 4.48 -26.20 -10.93
CA LYS A 17 5.31 -25.03 -10.66
C LYS A 17 6.77 -25.30 -10.31
N ASN A 18 7.63 -24.39 -10.74
CA ASN A 18 9.06 -24.44 -10.46
C ASN A 18 9.28 -23.35 -9.42
N TRP A 19 9.60 -23.75 -8.20
CA TRP A 19 9.81 -22.81 -7.12
C TRP A 19 11.09 -22.01 -7.20
N GLY A 20 12.00 -22.43 -8.08
CA GLY A 20 13.24 -21.71 -8.24
C GLY A 20 13.12 -20.53 -9.18
N SER A 21 12.25 -20.66 -10.19
CA SER A 21 12.06 -19.61 -11.17
C SER A 21 10.66 -19.02 -11.11
N GLY A 22 9.77 -19.69 -10.37
CA GLY A 22 8.41 -19.22 -10.24
C GLY A 22 7.55 -19.53 -11.46
N GLU A 23 8.16 -20.20 -12.45
CA GLU A 23 7.45 -20.54 -13.68
C GLU A 23 6.41 -21.65 -13.51
N ILE A 24 5.30 -21.51 -14.24
CA ILE A 24 4.23 -22.48 -14.21
C ILE A 24 4.08 -23.15 -15.56
N LEU A 25 3.77 -24.44 -15.54
CA LEU A 25 3.56 -25.23 -16.75
C LEU A 25 2.24 -25.97 -16.61
N HIS A 26 1.61 -26.25 -17.75
CA HIS A 26 0.33 -26.96 -17.78
C HIS A 26 0.48 -28.35 -18.39
N ASP A 27 0.22 -29.37 -17.60
CA ASP A 27 0.35 -30.74 -18.07
C ASP A 27 -0.93 -31.33 -18.63
N THR A 28 -0.90 -31.65 -19.91
CA THR A 28 -2.04 -32.26 -20.60
C THR A 28 -1.71 -33.69 -21.01
N LEU A 29 -0.43 -33.94 -21.27
CA LEU A 29 0.05 -35.24 -21.69
C LEU A 29 -0.30 -36.39 -20.76
N HIS A 30 -0.51 -36.10 -19.49
CA HIS A 30 -0.87 -37.14 -18.52
C HIS A 30 -2.18 -37.86 -18.91
N HIS A 31 -3.00 -37.22 -19.74
CA HIS A 31 -4.25 -37.81 -20.17
C HIS A 31 -4.02 -39.07 -21.00
N LYS A 32 -2.82 -39.20 -21.57
CA LYS A 32 -2.49 -40.37 -22.38
C LYS A 32 -1.96 -41.52 -21.54
N ALA A 33 -1.86 -41.31 -20.23
CA ALA A 33 -1.35 -42.35 -19.32
C ALA A 33 -2.13 -43.65 -19.41
N THR A 34 -1.42 -44.75 -19.24
CA THR A 34 -2.01 -46.08 -19.32
C THR A 34 -3.09 -46.33 -18.25
N SER A 35 -2.94 -45.70 -17.10
CA SER A 35 -3.91 -45.85 -16.02
C SER A 35 -4.55 -44.52 -15.64
N SER A 43 -1.68 -39.22 -13.58
CA SER A 43 -0.36 -38.67 -13.15
C SER A 43 -0.15 -38.79 -11.64
N CYS A 44 1.10 -38.73 -11.23
CA CYS A 44 1.45 -38.81 -9.81
C CYS A 44 1.75 -37.40 -9.32
N LEU A 45 1.02 -36.98 -8.28
CA LEU A 45 1.18 -35.65 -7.70
C LEU A 45 2.14 -35.67 -6.51
N GLY A 46 3.08 -36.60 -6.53
CA GLY A 46 4.05 -36.76 -5.45
C GLY A 46 4.94 -35.57 -5.10
N SER A 47 5.54 -34.94 -6.10
CA SER A 47 6.41 -33.79 -5.86
C SER A 47 5.70 -32.44 -5.78
N ILE A 48 4.39 -32.47 -5.56
CA ILE A 48 3.63 -31.23 -5.45
C ILE A 48 3.80 -30.71 -4.02
N MET A 49 4.17 -29.44 -3.89
CA MET A 49 4.38 -28.84 -2.57
C MET A 49 3.10 -28.70 -1.76
N ASN A 50 2.10 -28.04 -2.35
CA ASN A 50 0.84 -27.82 -1.67
C ASN A 50 -0.36 -28.49 -2.35
N PRO A 51 -0.48 -29.82 -2.23
CA PRO A 51 -1.65 -30.43 -2.89
C PRO A 51 -2.91 -30.18 -2.04
N LYS A 52 -4.08 -30.18 -2.67
CA LYS A 52 -5.34 -29.96 -1.97
C LYS A 52 -5.53 -30.98 -0.85
N SER A 53 -5.05 -32.19 -1.07
CA SER A 53 -5.17 -33.25 -0.07
C SER A 53 -4.48 -32.92 1.25
N LEU A 54 -3.60 -31.93 1.20
CA LEU A 54 -2.86 -31.52 2.38
C LEU A 54 -3.33 -30.17 2.94
N THR A 55 -4.36 -29.61 2.33
CA THR A 55 -4.89 -28.32 2.74
C THR A 55 -6.31 -28.40 3.33
N ARG A 56 -6.58 -27.54 4.32
CA ARG A 56 -7.89 -27.44 4.96
C ARG A 56 -8.29 -25.98 4.83
N GLY A 57 -9.18 -25.71 3.87
CA GLY A 57 -9.63 -24.35 3.60
C GLY A 57 -10.55 -23.73 4.64
N PRO A 58 -11.00 -22.50 4.38
CA PRO A 58 -11.87 -21.76 5.29
C PRO A 58 -13.29 -22.30 5.26
N ARG A 59 -14.16 -21.72 6.07
CA ARG A 59 -15.57 -22.13 6.14
C ARG A 59 -16.51 -20.95 6.26
N ASP A 60 -17.80 -21.25 6.12
CA ASP A 60 -18.86 -20.26 6.18
C ASP A 60 -19.94 -20.67 7.17
N LYS A 61 -19.87 -21.93 7.61
CA LYS A 61 -20.83 -22.45 8.57
C LYS A 61 -20.20 -23.63 9.31
N PRO A 62 -20.72 -23.97 10.49
CA PRO A 62 -20.17 -25.07 11.27
C PRO A 62 -20.16 -26.43 10.59
N THR A 63 -19.27 -27.30 11.07
CA THR A 63 -19.12 -28.64 10.54
C THR A 63 -20.43 -29.39 10.69
N PRO A 64 -20.98 -29.92 9.59
CA PRO A 64 -22.24 -30.66 9.68
C PRO A 64 -22.15 -31.71 10.78
N LEU A 65 -23.18 -31.74 11.61
CA LEU A 65 -23.27 -32.64 12.75
C LEU A 65 -23.11 -34.11 12.38
N GLU A 66 -23.56 -34.46 11.19
CA GLU A 66 -23.47 -35.84 10.72
C GLU A 66 -22.03 -36.28 10.50
N GLU A 67 -21.18 -35.40 10.00
CA GLU A 67 -19.77 -35.76 9.77
C GLU A 67 -18.88 -35.56 11.01
N LEU A 68 -19.21 -34.57 11.83
CA LEU A 68 -18.45 -34.28 13.04
C LEU A 68 -18.51 -35.40 14.08
N LEU A 69 -19.72 -35.87 14.35
CA LEU A 69 -19.95 -36.93 15.32
C LEU A 69 -19.10 -38.17 15.16
N PRO A 70 -19.15 -38.86 14.00
CA PRO A 70 -18.31 -40.06 13.85
C PRO A 70 -16.80 -39.79 14.02
N HIS A 71 -16.34 -38.61 13.61
CA HIS A 71 -14.94 -38.25 13.76
C HIS A 71 -14.60 -38.14 15.25
N ALA A 72 -15.49 -37.50 15.99
CA ALA A 72 -15.31 -37.32 17.43
C ALA A 72 -15.23 -38.67 18.14
N ILE A 73 -16.15 -39.58 17.83
CA ILE A 73 -16.13 -40.91 18.45
C ILE A 73 -14.82 -41.61 18.13
N GLU A 74 -14.37 -41.52 16.88
CA GLU A 74 -13.11 -42.14 16.47
C GLU A 74 -11.96 -41.60 17.34
N PHE A 75 -11.88 -40.28 17.49
CA PHE A 75 -10.82 -39.67 18.29
C PHE A 75 -10.86 -40.09 19.76
N ILE A 76 -12.05 -40.10 20.37
CA ILE A 76 -12.16 -40.48 21.78
C ILE A 76 -11.73 -41.95 21.97
N ASN A 77 -11.96 -42.77 20.95
CA ASN A 77 -11.57 -44.18 20.98
C ASN A 77 -10.06 -44.31 20.86
N GLN A 78 -9.47 -43.43 20.06
CA GLN A 78 -8.02 -43.41 19.84
C GLN A 78 -7.35 -43.02 21.16
N TYR A 79 -7.88 -41.97 21.78
CA TYR A 79 -7.37 -41.44 23.02
C TYR A 79 -7.39 -42.48 24.14
N TYR A 80 -8.53 -43.10 24.34
CA TYR A 80 -8.68 -44.11 25.38
C TYR A 80 -7.96 -45.42 25.07
N GLY A 81 -7.66 -45.62 23.80
CA GLY A 81 -6.94 -46.81 23.39
C GLY A 81 -5.46 -46.68 23.70
N SER A 82 -5.01 -45.43 23.85
CA SER A 82 -3.61 -45.14 24.16
C SER A 82 -3.19 -45.63 25.52
N PHE A 83 -4.11 -45.56 26.48
CA PHE A 83 -3.84 -45.98 27.85
C PHE A 83 -3.33 -47.42 27.92
N LYS A 84 -2.23 -47.62 28.64
CA LYS A 84 -1.66 -48.95 28.80
C LYS A 84 -2.68 -49.73 29.63
N GLU A 85 -3.17 -49.10 30.69
CA GLU A 85 -4.18 -49.68 31.57
C GLU A 85 -5.49 -49.02 31.15
N ALA A 86 -6.33 -49.76 30.43
CA ALA A 86 -7.61 -49.24 29.96
C ALA A 86 -8.54 -48.72 31.04
N LYS A 87 -9.37 -47.74 30.68
CA LYS A 87 -10.34 -47.15 31.59
C LYS A 87 -11.67 -47.15 30.85
N ILE A 88 -12.30 -48.33 30.80
CA ILE A 88 -13.57 -48.52 30.10
C ILE A 88 -14.70 -47.58 30.51
N GLU A 89 -14.94 -47.47 31.81
CA GLU A 89 -16.02 -46.61 32.30
C GLU A 89 -15.89 -45.16 31.84
N GLU A 90 -14.71 -44.57 32.05
CA GLU A 90 -14.45 -43.19 31.62
C GLU A 90 -14.58 -43.04 30.12
N HIS A 91 -14.12 -44.06 29.40
CA HIS A 91 -14.18 -44.09 27.94
C HIS A 91 -15.65 -44.02 27.48
N LEU A 92 -16.47 -44.92 28.03
CA LEU A 92 -17.89 -44.97 27.67
C LEU A 92 -18.56 -43.68 28.09
N ALA A 93 -18.22 -43.22 29.29
CA ALA A 93 -18.76 -41.99 29.85
C ALA A 93 -18.42 -40.78 28.99
N ARG A 94 -17.16 -40.73 28.53
CA ARG A 94 -16.72 -39.62 27.70
C ARG A 94 -17.41 -39.69 26.35
N LEU A 95 -17.59 -40.91 25.83
CA LEU A 95 -18.26 -41.10 24.54
C LEU A 95 -19.66 -40.51 24.65
N GLU A 96 -20.33 -40.86 25.74
CA GLU A 96 -21.68 -40.39 26.01
C GLU A 96 -21.75 -38.86 26.11
N ALA A 97 -20.88 -38.30 26.95
CA ALA A 97 -20.81 -36.85 27.15
C ALA A 97 -20.52 -36.07 25.86
N VAL A 98 -19.60 -36.58 25.04
CA VAL A 98 -19.25 -35.93 23.78
C VAL A 98 -20.45 -35.98 22.83
N THR A 99 -21.07 -37.14 22.73
CA THR A 99 -22.22 -37.32 21.84
C THR A 99 -23.28 -36.31 22.21
N LYS A 100 -23.56 -36.24 23.50
CA LYS A 100 -24.57 -35.33 24.04
C LYS A 100 -24.23 -33.87 23.82
N GLU A 101 -22.99 -33.52 24.09
CA GLU A 101 -22.51 -32.15 23.93
C GLU A 101 -22.65 -31.65 22.49
N ILE A 102 -22.31 -32.51 21.53
CA ILE A 102 -22.41 -32.17 20.12
C ILE A 102 -23.88 -31.93 19.76
N GLU A 103 -24.76 -32.68 20.42
CA GLU A 103 -26.20 -32.54 20.18
C GLU A 103 -26.78 -31.31 20.86
N THR A 104 -26.21 -30.95 22.02
CA THR A 104 -26.69 -29.80 22.77
C THR A 104 -25.99 -28.48 22.43
N THR A 105 -24.87 -28.55 21.70
CA THR A 105 -24.15 -27.33 21.34
C THR A 105 -23.78 -27.20 19.87
N GLY A 106 -23.44 -28.31 19.22
CA GLY A 106 -23.07 -28.27 17.82
C GLY A 106 -21.64 -28.75 17.63
N THR A 107 -20.82 -28.57 18.65
CA THR A 107 -19.43 -29.00 18.65
C THR A 107 -19.14 -29.56 20.02
N TYR A 108 -17.86 -29.61 20.38
CA TYR A 108 -17.48 -30.08 21.69
C TYR A 108 -16.10 -29.56 22.04
N GLN A 109 -15.78 -29.63 23.33
CA GLN A 109 -14.50 -29.18 23.81
C GLN A 109 -13.67 -30.36 24.24
N LEU A 110 -12.39 -30.35 23.85
CA LEU A 110 -11.50 -31.43 24.23
C LEU A 110 -11.02 -31.16 25.64
N THR A 111 -10.70 -32.22 26.38
CA THR A 111 -10.18 -32.01 27.72
C THR A 111 -8.72 -31.65 27.45
N LEU A 112 -8.09 -30.96 28.39
CA LEU A 112 -6.70 -30.56 28.22
C LEU A 112 -5.82 -31.76 27.90
N ASP A 113 -6.10 -32.89 28.53
CA ASP A 113 -5.32 -34.10 28.31
C ASP A 113 -5.50 -34.64 26.90
N GLU A 114 -6.73 -34.53 26.38
CA GLU A 114 -7.00 -35.00 25.02
C GLU A 114 -6.29 -34.10 24.02
N LEU A 115 -6.23 -32.79 24.30
CA LEU A 115 -5.59 -31.84 23.42
C LEU A 115 -4.11 -32.10 23.35
N ILE A 116 -3.49 -32.31 24.52
CA ILE A 116 -2.06 -32.61 24.58
C ILE A 116 -1.81 -33.84 23.71
N PHE A 117 -2.62 -34.87 23.90
CA PHE A 117 -2.52 -36.10 23.14
C PHE A 117 -2.67 -35.83 21.65
N ALA A 118 -3.61 -34.97 21.30
CA ALA A 118 -3.87 -34.62 19.91
C ALA A 118 -2.70 -33.90 19.24
N THR A 119 -2.07 -32.96 19.94
CA THR A 119 -0.95 -32.21 19.38
C THR A 119 0.24 -33.11 19.08
N LYS A 120 0.46 -34.08 19.96
CA LYS A 120 1.54 -35.03 19.83
C LYS A 120 1.31 -36.08 18.73
N MET A 121 0.06 -36.56 18.63
CA MET A 121 -0.28 -37.53 17.60
C MET A 121 -0.20 -36.89 16.23
N ALA A 122 -0.60 -35.62 16.15
CA ALA A 122 -0.55 -34.90 14.89
C ALA A 122 0.91 -34.74 14.44
N TRP A 123 1.79 -34.46 15.39
CA TRP A 123 3.22 -34.31 15.10
C TRP A 123 3.69 -35.69 14.65
N ARG A 124 3.25 -36.70 15.39
CA ARG A 124 3.61 -38.09 15.11
C ARG A 124 3.09 -38.51 13.73
N ASN A 125 2.07 -37.82 13.24
CA ASN A 125 1.46 -38.11 11.94
C ASN A 125 1.91 -37.17 10.81
N ALA A 126 2.88 -36.30 11.08
CA ALA A 126 3.36 -35.37 10.06
C ALA A 126 4.35 -36.11 9.16
N PRO A 127 3.95 -36.43 7.92
CA PRO A 127 4.80 -37.15 6.96
C PRO A 127 6.07 -36.44 6.58
N ARG A 128 6.00 -35.12 6.53
CA ARG A 128 7.14 -34.29 6.16
C ARG A 128 8.16 -33.88 7.24
N CYS A 129 8.12 -34.52 8.42
CA CYS A 129 9.04 -34.18 9.52
C CYS A 129 10.02 -35.27 9.93
N ILE A 130 11.33 -34.96 9.90
CA ILE A 130 12.41 -35.89 10.30
C ILE A 130 12.59 -35.96 11.80
N GLY A 131 12.11 -34.94 12.51
CA GLY A 131 12.29 -34.87 13.95
C GLY A 131 11.34 -35.66 14.81
N ARG A 132 10.41 -36.36 14.17
CA ARG A 132 9.39 -37.12 14.86
C ARG A 132 9.81 -38.07 15.97
N ILE A 133 11.11 -38.32 16.14
CA ILE A 133 11.51 -39.21 17.23
C ILE A 133 11.26 -38.48 18.57
N GLN A 134 11.09 -37.17 18.50
CA GLN A 134 10.84 -36.29 19.64
C GLN A 134 9.35 -36.06 19.91
N TRP A 135 8.48 -36.67 19.12
CA TRP A 135 7.02 -36.48 19.23
C TRP A 135 6.38 -36.45 20.62
N SER A 136 6.85 -37.30 21.53
CA SER A 136 6.29 -37.34 22.86
C SER A 136 6.74 -36.18 23.76
N ASN A 137 7.81 -35.49 23.37
CA ASN A 137 8.30 -34.36 24.13
C ASN A 137 7.85 -33.04 23.53
N LEU A 138 6.68 -32.59 23.97
CA LEU A 138 6.10 -31.35 23.47
C LEU A 138 5.38 -30.64 24.60
N GLN A 139 5.64 -29.35 24.75
CA GLN A 139 5.00 -28.54 25.77
C GLN A 139 3.79 -27.90 25.09
N VAL A 140 2.63 -28.03 25.72
CA VAL A 140 1.40 -27.47 25.16
C VAL A 140 0.90 -26.28 25.96
N PHE A 141 0.68 -25.16 25.29
CA PHE A 141 0.16 -23.97 25.91
C PHE A 141 -1.30 -23.83 25.48
N ASP A 142 -2.22 -23.97 26.44
CA ASP A 142 -3.65 -23.89 26.17
C ASP A 142 -4.15 -22.47 26.16
N ALA A 143 -4.34 -21.92 24.97
CA ALA A 143 -4.85 -20.56 24.80
C ALA A 143 -6.25 -20.58 24.17
N ARG A 144 -6.98 -21.66 24.40
CA ARG A 144 -8.33 -21.79 23.85
C ARG A 144 -9.31 -20.73 24.35
N ASN A 145 -9.00 -20.12 25.48
CA ASN A 145 -9.83 -19.08 26.08
C ASN A 145 -9.48 -17.68 25.60
N CYS A 146 -8.52 -17.59 24.68
CA CYS A 146 -8.07 -16.31 24.15
C CYS A 146 -9.22 -15.63 23.40
N SER A 147 -9.21 -14.31 23.34
CA SER A 147 -10.28 -13.60 22.65
C SER A 147 -9.89 -12.37 21.85
N THR A 148 -8.71 -11.84 22.08
CA THR A 148 -8.28 -10.66 21.33
C THR A 148 -6.92 -10.87 20.72
N ALA A 149 -6.56 -9.99 19.79
CA ALA A 149 -5.26 -10.04 19.13
C ALA A 149 -4.19 -9.82 20.19
N GLN A 150 -4.41 -8.84 21.05
CA GLN A 150 -3.49 -8.49 22.13
C GLN A 150 -3.19 -9.71 23.01
N GLU A 151 -4.21 -10.51 23.29
CA GLU A 151 -4.03 -11.70 24.10
C GLU A 151 -3.25 -12.77 23.34
N MET A 152 -3.40 -12.78 22.02
CA MET A 152 -2.70 -13.74 21.16
C MET A 152 -1.23 -13.39 21.20
N PHE A 153 -0.94 -12.10 21.04
CA PHE A 153 0.42 -11.58 21.05
C PHE A 153 1.18 -11.92 22.33
N GLN A 154 0.49 -11.86 23.46
CA GLN A 154 1.11 -12.15 24.75
C GLN A 154 1.39 -13.64 24.84
N HIS A 155 0.44 -14.45 24.39
CA HIS A 155 0.60 -15.90 24.39
C HIS A 155 1.78 -16.31 23.52
N ILE A 156 1.95 -15.61 22.40
CA ILE A 156 3.02 -15.89 21.47
C ILE A 156 4.36 -15.49 22.08
N CYS A 157 4.42 -14.29 22.69
CA CYS A 157 5.65 -13.85 23.34
C CYS A 157 6.03 -14.86 24.42
N ARG A 158 5.02 -15.43 25.07
CA ARG A 158 5.26 -16.42 26.12
C ARG A 158 5.84 -17.70 25.50
N HIS A 159 5.29 -18.10 24.36
CA HIS A 159 5.72 -19.29 23.64
C HIS A 159 7.17 -19.11 23.18
N ILE A 160 7.44 -17.99 22.52
CA ILE A 160 8.78 -17.69 22.02
C ILE A 160 9.82 -17.77 23.13
N LEU A 161 9.50 -17.15 24.27
CA LEU A 161 10.39 -17.12 25.41
C LEU A 161 10.63 -18.51 26.01
N TYR A 162 9.56 -19.29 26.16
CA TYR A 162 9.69 -20.64 26.70
C TYR A 162 10.52 -21.55 25.79
N ALA A 163 10.22 -21.48 24.50
CA ALA A 163 10.87 -22.31 23.49
C ALA A 163 12.34 -22.01 23.28
N THR A 164 12.68 -20.72 23.20
CA THR A 164 14.06 -20.28 23.01
C THR A 164 14.92 -20.73 24.16
N ASN A 165 14.45 -20.52 25.38
CA ASN A 165 15.14 -20.95 26.60
C ASN A 165 16.64 -20.60 26.62
N ASN A 166 16.97 -19.39 26.19
CA ASN A 166 18.37 -18.93 26.17
C ASN A 166 19.27 -19.81 25.29
N GLY A 167 18.69 -20.40 24.24
CA GLY A 167 19.46 -21.24 23.35
C GLY A 167 19.24 -22.73 23.51
N ASN A 168 18.80 -23.16 24.69
CA ASN A 168 18.53 -24.58 24.89
C ASN A 168 17.09 -24.84 24.44
N ILE A 169 16.87 -24.78 23.13
CA ILE A 169 15.55 -24.95 22.52
C ILE A 169 14.65 -26.08 23.04
N ARG A 170 13.40 -25.72 23.33
CA ARG A 170 12.40 -26.69 23.81
C ARG A 170 11.22 -26.67 22.84
N SER A 171 10.74 -27.86 22.48
CA SER A 171 9.62 -27.97 21.55
C SER A 171 8.32 -27.58 22.25
N ALA A 172 7.52 -26.72 21.60
CA ALA A 172 6.26 -26.28 22.17
C ALA A 172 5.20 -25.93 21.11
N ILE A 173 3.95 -25.82 21.55
CA ILE A 173 2.85 -25.47 20.67
C ILE A 173 1.77 -24.73 21.47
N THR A 174 1.23 -23.68 20.87
CA THR A 174 0.19 -22.88 21.51
C THR A 174 -1.13 -23.04 20.74
N VAL A 175 -2.12 -23.63 21.40
CA VAL A 175 -3.43 -23.88 20.80
C VAL A 175 -4.47 -22.80 21.10
N PHE A 176 -4.82 -22.01 20.10
CA PHE A 176 -5.82 -20.95 20.22
C PHE A 176 -7.23 -21.54 20.03
N PRO A 177 -8.30 -20.71 20.13
CA PRO A 177 -9.68 -21.22 19.96
C PRO A 177 -9.96 -21.95 18.65
N GLN A 178 -10.64 -23.09 18.77
CA GLN A 178 -11.01 -23.89 17.59
C GLN A 178 -11.99 -23.14 16.71
N ARG A 179 -12.04 -23.55 15.45
CA ARG A 179 -12.95 -22.95 14.49
C ARG A 179 -14.39 -23.30 14.90
N SER A 180 -15.26 -22.31 14.83
CA SER A 180 -16.67 -22.53 15.20
C SER A 180 -17.53 -22.61 13.94
N ASP A 181 -17.91 -21.44 13.40
CA ASP A 181 -18.71 -21.37 12.19
C ASP A 181 -17.84 -20.96 11.00
N GLY A 182 -16.53 -20.88 11.24
CA GLY A 182 -15.59 -20.50 10.21
C GLY A 182 -15.54 -19.02 9.94
N LYS A 183 -16.43 -18.27 10.59
CA LYS A 183 -16.48 -16.82 10.41
C LYS A 183 -15.85 -16.10 11.59
N HIS A 184 -15.37 -16.87 12.57
CA HIS A 184 -14.75 -16.30 13.77
C HIS A 184 -13.46 -17.00 14.18
N ASP A 185 -12.56 -17.24 13.24
CA ASP A 185 -11.34 -17.93 13.63
C ASP A 185 -10.08 -17.12 13.86
N PHE A 186 -9.20 -17.70 14.67
CA PHE A 186 -7.94 -17.09 14.99
C PHE A 186 -6.92 -17.56 13.97
N ARG A 187 -6.17 -16.61 13.41
CA ARG A 187 -5.17 -16.94 12.41
C ARG A 187 -3.93 -16.05 12.50
N LEU A 188 -2.75 -16.66 12.45
CA LEU A 188 -1.52 -15.89 12.43
C LEU A 188 -1.22 -15.80 10.94
N TRP A 189 -1.15 -14.59 10.41
CA TRP A 189 -0.89 -14.38 9.01
C TRP A 189 0.57 -14.67 8.61
N ASN A 190 1.45 -14.81 9.60
CA ASN A 190 2.87 -15.10 9.36
C ASN A 190 3.04 -16.57 9.00
N SER A 191 4.10 -16.89 8.23
CA SER A 191 4.37 -18.27 7.88
C SER A 191 5.12 -18.91 9.04
N GLN A 192 5.97 -18.11 9.69
CA GLN A 192 6.74 -18.54 10.86
C GLN A 192 6.69 -17.42 11.91
N LEU A 193 6.77 -17.78 13.19
CA LEU A 193 6.76 -16.78 14.26
C LEU A 193 7.81 -15.71 13.99
N ILE A 194 9.03 -16.15 13.73
CA ILE A 194 10.15 -15.26 13.44
C ILE A 194 10.63 -15.51 12.00
N ARG A 195 10.63 -14.46 11.20
CA ARG A 195 11.03 -14.55 9.80
C ARG A 195 11.59 -13.17 9.45
N TYR A 196 12.43 -13.09 8.42
CA TYR A 196 13.02 -11.82 8.02
C TYR A 196 12.29 -11.20 6.85
N ALA A 197 12.33 -9.88 6.78
CA ALA A 197 11.67 -9.13 5.72
C ALA A 197 12.41 -9.21 4.39
N GLY A 198 11.69 -8.90 3.33
CA GLY A 198 12.25 -8.91 1.99
C GLY A 198 11.73 -7.68 1.29
N TYR A 199 12.62 -6.78 0.88
CA TYR A 199 12.22 -5.56 0.20
C TYR A 199 12.80 -5.50 -1.20
N GLN A 200 11.98 -5.15 -2.18
CA GLN A 200 12.48 -4.99 -3.54
C GLN A 200 12.93 -3.54 -3.63
N MET A 201 14.22 -3.32 -3.36
CA MET A 201 14.82 -1.98 -3.37
C MET A 201 14.51 -1.15 -4.62
N PRO A 202 14.55 0.19 -4.48
CA PRO A 202 14.28 1.12 -5.58
C PRO A 202 15.26 0.93 -6.74
N ASP A 203 16.46 0.45 -6.42
CA ASP A 203 17.49 0.21 -7.42
C ASP A 203 17.32 -1.14 -8.13
N GLY A 204 16.12 -1.71 -8.06
CA GLY A 204 15.81 -2.97 -8.71
C GLY A 204 16.20 -4.25 -7.99
N THR A 205 17.15 -4.17 -7.07
CA THR A 205 17.60 -5.35 -6.34
C THR A 205 16.67 -5.73 -5.20
N ILE A 206 16.73 -7.00 -4.82
CA ILE A 206 15.93 -7.51 -3.70
C ILE A 206 16.85 -7.54 -2.49
N ARG A 207 16.30 -7.14 -1.33
CA ARG A 207 17.06 -7.08 -0.08
C ARG A 207 16.40 -7.96 0.97
N GLY A 208 17.22 -8.72 1.68
CA GLY A 208 16.70 -9.61 2.73
C GLY A 208 16.16 -10.92 2.19
N ASP A 209 15.08 -11.41 2.80
CA ASP A 209 14.47 -12.67 2.38
C ASP A 209 13.43 -12.48 1.28
N ALA A 210 13.82 -12.86 0.06
CA ALA A 210 12.96 -12.76 -1.11
C ALA A 210 11.66 -13.53 -0.98
N ALA A 211 11.69 -14.57 -0.15
CA ALA A 211 10.51 -15.41 0.09
C ALA A 211 9.38 -14.69 0.84
N THR A 212 9.73 -13.66 1.59
CA THR A 212 8.72 -12.91 2.36
C THR A 212 8.45 -11.55 1.74
N LEU A 213 8.68 -11.42 0.43
CA LEU A 213 8.46 -10.17 -0.27
C LEU A 213 7.02 -9.67 -0.19
N GLU A 214 6.08 -10.54 -0.58
CA GLU A 214 4.66 -10.22 -0.58
C GLU A 214 4.16 -9.91 0.84
N PHE A 215 4.44 -10.79 1.80
CA PHE A 215 4.01 -10.60 3.18
C PHE A 215 4.61 -9.33 3.77
N THR A 216 5.81 -8.98 3.30
CA THR A 216 6.49 -7.77 3.76
C THR A 216 5.71 -6.55 3.29
N GLN A 217 5.18 -6.63 2.08
CA GLN A 217 4.39 -5.55 1.51
C GLN A 217 3.09 -5.41 2.29
N LEU A 218 2.57 -6.55 2.74
CA LEU A 218 1.33 -6.60 3.51
C LEU A 218 1.50 -5.88 4.84
N CYS A 219 2.60 -6.18 5.53
CA CYS A 219 2.89 -5.55 6.81
C CYS A 219 3.07 -4.05 6.61
N ILE A 220 3.77 -3.67 5.56
CA ILE A 220 4.00 -2.26 5.25
C ILE A 220 2.66 -1.59 4.94
N ASP A 221 1.77 -2.32 4.29
CA ASP A 221 0.45 -1.79 3.95
C ASP A 221 -0.32 -1.58 5.24
N LEU A 222 -0.17 -2.51 6.18
CA LEU A 222 -0.86 -2.44 7.48
C LEU A 222 -0.22 -1.44 8.44
N GLY A 223 0.64 -0.56 7.93
CA GLY A 223 1.26 0.44 8.77
C GLY A 223 2.64 0.16 9.33
N TRP A 224 3.15 -1.06 9.17
CA TRP A 224 4.47 -1.41 9.68
C TRP A 224 5.56 -0.54 9.06
N LYS A 225 6.61 -0.33 9.83
CA LYS A 225 7.74 0.52 9.45
C LYS A 225 8.91 -0.29 8.88
N PRO A 226 9.16 -0.18 7.57
CA PRO A 226 10.23 -0.87 6.86
C PRO A 226 11.63 -0.30 7.15
N ARG A 227 12.52 -1.17 7.61
CA ARG A 227 13.89 -0.76 7.94
C ARG A 227 14.88 -0.95 6.79
N TYR A 228 14.44 -1.64 5.74
CA TYR A 228 15.26 -1.90 4.55
C TYR A 228 16.59 -2.59 4.76
N GLY A 229 16.68 -3.39 5.80
CA GLY A 229 17.90 -4.13 6.09
C GLY A 229 17.85 -5.49 5.41
N ARG A 230 18.81 -6.35 5.71
CA ARG A 230 18.85 -7.66 5.10
C ARG A 230 18.43 -8.73 6.09
N PHE A 231 18.26 -8.34 7.36
CA PHE A 231 17.85 -9.24 8.43
C PHE A 231 16.87 -8.62 9.44
N ASP A 232 15.83 -7.95 8.94
CA ASP A 232 14.83 -7.34 9.81
C ASP A 232 13.70 -8.30 10.16
N VAL A 233 13.52 -8.56 11.45
CA VAL A 233 12.45 -9.43 11.90
C VAL A 233 11.09 -8.78 11.63
N LEU A 234 10.25 -9.48 10.88
CA LEU A 234 8.91 -9.00 10.55
C LEU A 234 8.01 -9.04 11.77
N PRO A 235 6.96 -8.21 11.77
CA PRO A 235 6.02 -8.16 12.90
C PRO A 235 5.02 -9.30 12.86
N LEU A 236 4.44 -9.59 14.01
CA LEU A 236 3.42 -10.61 14.11
C LEU A 236 2.14 -9.95 13.58
N VAL A 237 1.44 -10.64 12.69
CA VAL A 237 0.18 -10.15 12.13
C VAL A 237 -0.86 -11.14 12.63
N LEU A 238 -1.60 -10.74 13.66
CA LEU A 238 -2.58 -11.60 14.30
C LEU A 238 -4.05 -11.25 14.08
N GLN A 239 -4.83 -12.30 13.80
CA GLN A 239 -6.26 -12.20 13.55
C GLN A 239 -6.99 -13.00 14.61
N ALA A 240 -7.85 -12.34 15.37
CA ALA A 240 -8.60 -13.00 16.43
C ALA A 240 -10.10 -12.89 16.21
N ASP A 241 -10.81 -13.98 16.47
CA ASP A 241 -12.26 -14.01 16.33
C ASP A 241 -12.71 -13.44 14.98
N GLY A 242 -12.04 -13.86 13.91
CA GLY A 242 -12.37 -13.39 12.57
C GLY A 242 -12.23 -11.90 12.31
N GLN A 243 -11.75 -11.13 13.28
CA GLN A 243 -11.59 -9.69 13.09
C GLN A 243 -10.41 -9.40 12.16
N ASP A 244 -10.35 -8.16 11.68
CA ASP A 244 -9.24 -7.74 10.83
C ASP A 244 -7.96 -7.94 11.65
N PRO A 245 -6.85 -8.30 10.99
CA PRO A 245 -5.58 -8.52 11.69
C PRO A 245 -4.92 -7.27 12.24
N GLU A 246 -4.23 -7.42 13.37
CA GLU A 246 -3.52 -6.34 14.03
C GLU A 246 -2.02 -6.68 14.03
N VAL A 247 -1.20 -5.66 13.82
CA VAL A 247 0.25 -5.82 13.75
C VAL A 247 0.98 -5.56 15.07
N PHE A 248 1.90 -6.46 15.42
CA PHE A 248 2.66 -6.34 16.66
C PHE A 248 4.15 -6.61 16.43
N GLU A 249 5.01 -5.68 16.81
CA GLU A 249 6.44 -5.87 16.65
C GLU A 249 6.88 -6.86 17.71
N ILE A 250 7.70 -7.83 17.32
CA ILE A 250 8.19 -8.80 18.30
C ILE A 250 9.29 -8.13 19.12
N PRO A 251 9.23 -8.24 20.44
CA PRO A 251 10.25 -7.63 21.32
C PRO A 251 11.63 -8.22 21.02
N PRO A 252 12.56 -7.38 20.53
CA PRO A 252 13.93 -7.79 20.20
C PRO A 252 14.62 -8.67 21.25
N ASP A 253 14.27 -8.47 22.51
CA ASP A 253 14.84 -9.24 23.61
C ASP A 253 14.43 -10.70 23.54
N LEU A 254 13.35 -10.98 22.81
CA LEU A 254 12.84 -12.33 22.64
C LEU A 254 13.45 -13.10 21.45
N VAL A 255 13.89 -12.38 20.42
CA VAL A 255 14.49 -13.00 19.22
C VAL A 255 15.98 -13.35 19.38
N LEU A 256 16.28 -14.61 19.67
CA LEU A 256 17.67 -15.06 19.82
C LEU A 256 18.23 -15.33 18.42
N GLU A 257 19.35 -14.71 18.10
CA GLU A 257 20.00 -14.90 16.80
C GLU A 257 21.41 -15.44 16.94
N VAL A 258 21.92 -16.03 15.86
CA VAL A 258 23.24 -16.62 15.83
C VAL A 258 24.05 -15.97 14.70
N THR A 259 25.22 -15.44 15.03
CA THR A 259 26.04 -14.81 14.00
C THR A 259 26.87 -15.90 13.33
N MET A 260 26.91 -15.85 12.00
CA MET A 260 27.63 -16.87 11.24
C MET A 260 29.13 -16.66 11.11
N GLU A 261 29.88 -17.69 11.46
CA GLU A 261 31.32 -17.69 11.32
C GLU A 261 31.85 -19.11 11.10
N HIS A 262 32.87 -19.24 10.25
CA HIS A 262 33.47 -20.52 9.92
C HIS A 262 34.63 -20.81 10.89
N PRO A 263 34.79 -22.07 11.32
CA PRO A 263 35.86 -22.47 12.26
C PRO A 263 37.26 -22.16 11.72
N LYS A 264 37.35 -22.06 10.41
CA LYS A 264 38.57 -21.70 9.67
C LYS A 264 37.98 -20.56 8.84
N TYR A 265 38.64 -20.11 7.78
CA TYR A 265 38.08 -19.02 6.96
C TYR A 265 37.56 -17.87 7.81
N GLU A 266 38.43 -17.02 8.32
CA GLU A 266 37.96 -15.91 9.13
C GLU A 266 37.24 -14.85 8.32
N TRP A 267 37.21 -15.04 7.00
CA TRP A 267 36.51 -14.11 6.13
C TRP A 267 35.02 -14.40 6.11
N PHE A 268 34.61 -15.55 6.63
CA PHE A 268 33.20 -15.93 6.61
C PHE A 268 32.36 -14.92 7.38
N GLN A 269 32.84 -14.54 8.55
CA GLN A 269 32.13 -13.58 9.38
C GLN A 269 32.00 -12.24 8.68
N GLU A 270 32.89 -11.97 7.71
CA GLU A 270 32.85 -10.72 6.96
C GLU A 270 31.62 -10.64 6.07
N LEU A 271 30.95 -11.78 5.88
CA LEU A 271 29.75 -11.84 5.07
C LEU A 271 28.58 -11.15 5.77
N GLY A 272 28.67 -11.08 7.10
CA GLY A 272 27.63 -10.43 7.89
C GLY A 272 26.32 -11.19 7.88
N LEU A 273 26.43 -12.51 8.00
CA LEU A 273 25.28 -13.38 8.00
C LEU A 273 24.95 -13.82 9.41
N LYS A 274 23.68 -14.13 9.60
CA LYS A 274 23.16 -14.62 10.86
C LYS A 274 21.78 -15.19 10.58
N TRP A 275 21.23 -15.90 11.55
CA TRP A 275 19.90 -16.46 11.41
C TRP A 275 19.30 -16.62 12.79
N TYR A 276 17.97 -16.60 12.88
CA TYR A 276 17.28 -16.78 14.16
C TYR A 276 17.41 -18.23 14.60
N ALA A 277 17.34 -18.45 15.90
CA ALA A 277 17.47 -19.79 16.46
C ALA A 277 16.18 -20.57 16.60
N LEU A 278 15.05 -19.90 16.37
CA LEU A 278 13.75 -20.54 16.56
C LEU A 278 12.93 -20.85 15.32
N PRO A 279 12.83 -22.14 14.96
CA PRO A 279 12.08 -22.59 13.79
C PRO A 279 10.65 -22.85 14.29
N ALA A 280 9.78 -21.89 14.07
CA ALA A 280 8.41 -22.01 14.55
C ALA A 280 7.34 -21.81 13.48
N VAL A 281 6.74 -22.92 13.05
CA VAL A 281 5.68 -22.90 12.03
C VAL A 281 4.46 -22.22 12.61
N ALA A 282 3.97 -21.20 11.93
CA ALA A 282 2.86 -20.42 12.44
C ALA A 282 1.53 -20.44 11.72
N ASN A 283 1.48 -21.01 10.51
CA ASN A 283 0.25 -20.98 9.72
C ASN A 283 -0.48 -22.29 9.44
N MET A 284 -0.16 -23.34 10.18
CA MET A 284 -0.83 -24.61 9.98
C MET A 284 -2.06 -24.85 10.85
N LEU A 285 -2.95 -25.70 10.37
CA LEU A 285 -4.19 -26.01 11.06
C LEU A 285 -4.17 -27.39 11.70
N LEU A 286 -4.54 -27.46 12.97
CA LEU A 286 -4.59 -28.75 13.64
C LEU A 286 -6.01 -29.30 13.47
N GLU A 287 -6.08 -30.59 13.15
CA GLU A 287 -7.36 -31.26 12.97
C GLU A 287 -7.38 -32.45 13.92
N VAL A 288 -8.43 -32.55 14.72
CA VAL A 288 -8.57 -33.63 15.68
C VAL A 288 -10.04 -33.88 16.00
N GLY A 289 -10.46 -35.15 15.87
CA GLY A 289 -11.83 -35.53 16.15
C GLY A 289 -12.90 -34.64 15.51
N GLY A 290 -12.65 -34.17 14.30
CA GLY A 290 -13.64 -33.33 13.65
C GLY A 290 -13.45 -31.85 13.86
N LEU A 291 -12.72 -31.49 14.92
CA LEU A 291 -12.46 -30.09 15.22
C LEU A 291 -11.23 -29.63 14.47
N GLU A 292 -11.19 -28.34 14.18
CA GLU A 292 -10.05 -27.76 13.49
C GLU A 292 -9.59 -26.46 14.16
N PHE A 293 -8.31 -26.42 14.52
CA PHE A 293 -7.72 -25.28 15.17
C PHE A 293 -6.87 -24.52 14.15
N PRO A 294 -7.44 -23.46 13.57
CA PRO A 294 -6.78 -22.61 12.56
C PRO A 294 -5.53 -21.86 13.02
N ALA A 295 -5.32 -21.77 14.33
CA ALA A 295 -4.16 -21.07 14.88
C ALA A 295 -3.54 -21.94 15.96
N CYS A 296 -2.36 -22.48 15.67
CA CYS A 296 -1.67 -23.36 16.59
C CYS A 296 -0.18 -23.40 16.25
N PRO A 297 0.55 -22.31 16.54
CA PRO A 297 1.99 -22.22 16.25
C PRO A 297 2.75 -23.28 17.03
N PHE A 298 3.75 -23.87 16.39
CA PHE A 298 4.56 -24.88 17.07
C PHE A 298 6.01 -24.71 16.66
N ASN A 299 6.89 -25.36 17.41
CA ASN A 299 8.29 -25.27 17.10
C ASN A 299 9.06 -26.47 17.61
N GLY A 300 10.20 -26.69 16.98
CA GLY A 300 11.11 -27.74 17.40
C GLY A 300 12.40 -26.96 17.34
N TRP A 301 13.50 -27.63 17.00
CA TRP A 301 14.79 -26.96 16.85
C TRP A 301 15.24 -27.16 15.40
N TYR A 302 16.26 -26.43 14.99
CA TYR A 302 16.74 -26.52 13.61
C TYR A 302 17.58 -27.74 13.23
N MET A 303 17.54 -28.05 11.94
CA MET A 303 18.36 -29.10 11.35
C MET A 303 19.25 -28.19 10.51
N GLY A 304 20.56 -28.35 10.64
CA GLY A 304 21.51 -27.49 9.92
C GLY A 304 21.26 -27.12 8.47
N THR A 305 20.84 -28.09 7.67
CA THR A 305 20.60 -27.87 6.25
C THR A 305 19.46 -26.91 5.90
N GLU A 306 18.53 -26.71 6.83
CA GLU A 306 17.42 -25.79 6.60
C GLU A 306 17.99 -24.40 6.40
N ILE A 307 18.95 -24.05 7.25
CA ILE A 307 19.59 -22.75 7.17
C ILE A 307 20.74 -22.76 6.18
N GLY A 308 21.69 -23.67 6.40
CA GLY A 308 22.87 -23.75 5.54
C GLY A 308 22.65 -24.03 4.07
N VAL A 309 21.66 -24.85 3.74
CA VAL A 309 21.43 -25.19 2.35
C VAL A 309 20.27 -24.44 1.72
N ARG A 310 19.10 -24.50 2.35
CA ARG A 310 17.92 -23.84 1.78
C ARG A 310 17.78 -22.34 1.99
N ASP A 311 17.83 -21.87 3.24
CA ASP A 311 17.70 -20.42 3.49
C ASP A 311 18.84 -19.58 2.90
N PHE A 312 20.07 -20.05 3.08
CA PHE A 312 21.23 -19.32 2.54
C PHE A 312 21.51 -19.60 1.06
N CYS A 313 21.40 -20.86 0.64
CA CYS A 313 21.70 -21.22 -0.76
C CYS A 313 20.62 -21.32 -1.83
N ASP A 314 19.35 -21.36 -1.44
CA ASP A 314 18.32 -21.36 -2.46
C ASP A 314 18.51 -20.10 -3.27
N THR A 315 18.38 -20.21 -4.58
CA THR A 315 18.52 -19.07 -5.45
C THR A 315 17.41 -18.05 -5.18
N GLN A 316 16.31 -18.52 -4.60
CA GLN A 316 15.15 -17.67 -4.30
C GLN A 316 15.15 -17.13 -2.87
N ARG A 317 16.15 -17.48 -2.08
CA ARG A 317 16.26 -17.00 -0.71
C ARG A 317 17.46 -16.05 -0.61
N TYR A 318 18.47 -16.41 0.19
CA TYR A 318 19.62 -15.53 0.31
C TYR A 318 20.65 -15.62 -0.79
N ASN A 319 20.65 -16.73 -1.53
CA ASN A 319 21.53 -16.95 -2.67
C ASN A 319 22.99 -16.54 -2.44
N ILE A 320 23.63 -17.11 -1.43
CA ILE A 320 25.01 -16.75 -1.12
C ILE A 320 26.06 -17.69 -1.70
N LEU A 321 25.64 -18.69 -2.47
CA LEU A 321 26.59 -19.66 -3.05
C LEU A 321 27.76 -19.11 -3.85
N GLU A 322 27.49 -18.24 -4.82
CA GLU A 322 28.56 -17.71 -5.65
C GLU A 322 29.59 -16.91 -4.86
N GLU A 323 29.10 -16.08 -3.94
CA GLU A 323 29.97 -15.26 -3.11
C GLU A 323 30.87 -16.14 -2.28
N VAL A 324 30.32 -17.20 -1.69
CA VAL A 324 31.14 -18.09 -0.87
C VAL A 324 32.15 -18.83 -1.74
N GLY A 325 31.71 -19.29 -2.91
CA GLY A 325 32.60 -20.01 -3.80
C GLY A 325 33.75 -19.12 -4.22
N ARG A 326 33.40 -17.91 -4.64
CA ARG A 326 34.36 -16.91 -5.08
C ARG A 326 35.39 -16.62 -3.98
N ARG A 327 34.89 -16.48 -2.75
CA ARG A 327 35.74 -16.22 -1.60
C ARG A 327 36.61 -17.39 -1.23
N MET A 328 36.20 -18.59 -1.61
CA MET A 328 36.99 -19.79 -1.32
C MET A 328 38.04 -20.00 -2.42
N GLY A 329 37.96 -19.16 -3.46
CA GLY A 329 38.88 -19.26 -4.58
C GLY A 329 38.60 -20.42 -5.53
N LEU A 330 37.33 -20.83 -5.62
CA LEU A 330 36.93 -21.94 -6.48
C LEU A 330 36.66 -21.52 -7.92
N GLU A 331 36.63 -22.50 -8.82
CA GLU A 331 36.39 -22.28 -10.25
C GLU A 331 34.90 -22.02 -10.49
N THR A 332 34.46 -20.88 -9.98
CA THR A 332 33.08 -20.43 -10.03
C THR A 332 32.36 -20.41 -11.38
N HIS A 333 33.13 -20.35 -12.47
CA HIS A 333 32.53 -20.31 -13.79
C HIS A 333 32.50 -21.64 -14.54
N THR A 334 32.90 -22.70 -13.86
CA THR A 334 32.88 -24.03 -14.47
C THR A 334 32.21 -25.04 -13.53
N LEU A 335 30.94 -25.34 -13.82
CA LEU A 335 30.13 -26.26 -13.04
C LEU A 335 30.78 -27.60 -12.73
N ALA A 336 31.46 -28.18 -13.71
CA ALA A 336 32.09 -29.47 -13.52
C ALA A 336 33.14 -29.48 -12.41
N SER A 337 33.57 -28.31 -11.97
CA SER A 337 34.56 -28.23 -10.89
C SER A 337 33.97 -28.67 -9.56
N LEU A 338 32.64 -28.77 -9.52
CA LEU A 338 31.93 -29.14 -8.30
C LEU A 338 32.16 -28.12 -7.20
N TRP A 339 32.28 -26.85 -7.61
CA TRP A 339 32.53 -25.76 -6.67
C TRP A 339 31.32 -25.56 -5.79
N LYS A 340 30.15 -25.72 -6.39
CA LYS A 340 28.91 -25.57 -5.66
C LYS A 340 28.88 -26.59 -4.53
N ASP A 341 29.34 -27.81 -4.82
CA ASP A 341 29.35 -28.84 -3.80
C ASP A 341 30.25 -28.40 -2.65
N ARG A 342 31.48 -28.02 -2.96
CA ARG A 342 32.45 -27.59 -1.94
C ARG A 342 31.97 -26.41 -1.08
N ALA A 343 31.38 -25.40 -1.73
CA ALA A 343 30.89 -24.21 -1.05
C ALA A 343 29.77 -24.52 -0.07
N VAL A 344 28.69 -25.13 -0.56
CA VAL A 344 27.55 -25.45 0.29
C VAL A 344 27.95 -26.24 1.53
N THR A 345 28.97 -27.08 1.41
CA THR A 345 29.38 -27.87 2.57
C THR A 345 30.10 -27.01 3.60
N GLU A 346 30.80 -25.99 3.13
CA GLU A 346 31.50 -25.11 4.05
C GLU A 346 30.51 -24.20 4.77
N ILE A 347 29.41 -23.87 4.08
CA ILE A 347 28.36 -23.05 4.65
C ILE A 347 27.64 -23.84 5.73
N ASN A 348 27.41 -25.14 5.50
CA ASN A 348 26.75 -25.99 6.48
C ASN A 348 27.65 -26.11 7.71
N VAL A 349 28.96 -26.16 7.45
CA VAL A 349 29.96 -26.26 8.53
C VAL A 349 29.88 -24.99 9.38
N ALA A 350 29.77 -23.84 8.71
CA ALA A 350 29.66 -22.56 9.39
C ALA A 350 28.43 -22.53 10.30
N VAL A 351 27.26 -22.90 9.74
CA VAL A 351 26.00 -22.92 10.48
C VAL A 351 26.10 -23.78 11.74
N LEU A 352 26.50 -25.03 11.59
CA LEU A 352 26.64 -25.93 12.74
C LEU A 352 27.66 -25.38 13.75
N HIS A 353 28.78 -24.89 13.24
CA HIS A 353 29.84 -24.35 14.09
C HIS A 353 29.35 -23.19 14.94
N SER A 354 28.72 -22.22 14.29
CA SER A 354 28.18 -21.06 14.97
C SER A 354 27.15 -21.41 16.05
N PHE A 355 26.16 -22.23 15.69
CA PHE A 355 25.13 -22.63 16.64
C PHE A 355 25.77 -23.29 17.87
N GLN A 356 26.68 -24.22 17.62
CA GLN A 356 27.35 -24.94 18.69
C GLN A 356 28.22 -24.03 19.58
N LYS A 357 28.91 -23.09 18.95
CA LYS A 357 29.78 -22.17 19.64
C LYS A 357 28.96 -21.23 20.52
N GLN A 358 27.82 -20.80 20.00
CA GLN A 358 26.93 -19.89 20.71
C GLN A 358 25.90 -20.60 21.57
N ASN A 359 26.12 -21.89 21.80
CA ASN A 359 25.25 -22.73 22.63
C ASN A 359 23.76 -22.77 22.27
N VAL A 360 23.46 -22.79 20.98
CA VAL A 360 22.10 -22.87 20.50
C VAL A 360 21.87 -24.23 19.87
N THR A 361 20.82 -24.92 20.31
CA THR A 361 20.48 -26.26 19.80
C THR A 361 20.33 -26.31 18.29
N ILE A 362 20.84 -27.39 17.72
CA ILE A 362 20.77 -27.65 16.29
C ILE A 362 21.28 -29.06 16.06
N MET A 363 20.80 -29.73 15.01
CA MET A 363 21.27 -31.06 14.71
C MET A 363 21.63 -31.12 13.24
N ASP A 364 22.69 -31.84 12.94
CA ASP A 364 23.14 -31.99 11.56
C ASP A 364 22.26 -33.03 10.85
N HIS A 365 22.26 -32.95 9.52
CA HIS A 365 21.48 -33.84 8.66
C HIS A 365 22.23 -35.18 8.42
N HIS A 366 22.41 -35.97 9.47
CA HIS A 366 23.06 -37.27 9.37
C HIS A 366 22.60 -37.92 10.65
N THR A 367 22.81 -37.19 11.74
CA THR A 367 22.42 -37.60 13.07
C THR A 367 20.89 -37.65 13.08
N ALA A 368 20.27 -36.65 12.43
CA ALA A 368 18.82 -36.58 12.37
C ALA A 368 18.23 -37.68 11.51
N SER A 369 18.86 -37.93 10.35
CA SER A 369 18.43 -38.98 9.43
C SER A 369 18.50 -40.30 10.17
N GLU A 370 19.60 -40.51 10.89
CA GLU A 370 19.75 -41.74 11.64
C GLU A 370 18.69 -41.82 12.75
N SER A 371 18.34 -40.69 13.34
CA SER A 371 17.34 -40.71 14.41
C SER A 371 15.95 -40.98 13.83
N PHE A 372 15.68 -40.43 12.65
CA PHE A 372 14.40 -40.68 12.01
C PHE A 372 14.27 -42.18 11.73
N MET A 373 15.36 -42.78 11.28
CA MET A 373 15.37 -44.20 10.99
C MET A 373 15.10 -45.05 12.23
N LYS A 374 15.56 -44.60 13.40
CA LYS A 374 15.32 -45.32 14.63
C LYS A 374 13.86 -45.17 15.01
N HIS A 375 13.34 -43.97 14.78
CA HIS A 375 11.95 -43.65 15.08
C HIS A 375 11.02 -44.51 14.23
N MET A 376 11.38 -44.65 12.95
CA MET A 376 10.60 -45.43 12.01
C MET A 376 10.50 -46.89 12.44
N GLN A 377 11.62 -47.50 12.81
CA GLN A 377 11.55 -48.89 13.24
C GLN A 377 10.71 -48.98 14.51
N ASN A 378 10.77 -47.94 15.34
CA ASN A 378 10.01 -47.89 16.58
C ASN A 378 8.52 -47.85 16.27
N GLU A 379 8.14 -47.00 15.32
CA GLU A 379 6.74 -46.83 14.93
C GLU A 379 6.15 -48.10 14.31
N TYR A 380 6.94 -48.80 13.51
CA TYR A 380 6.45 -50.02 12.87
C TYR A 380 6.12 -51.11 13.87
N ARG A 381 6.91 -51.24 14.93
CA ARG A 381 6.61 -52.25 15.92
C ARG A 381 5.56 -51.76 16.94
N ALA A 382 5.42 -50.45 17.07
CA ALA A 382 4.47 -49.88 18.03
C ALA A 382 3.05 -49.82 17.49
N ARG A 383 2.91 -49.39 16.24
CA ARG A 383 1.60 -49.30 15.63
C ARG A 383 1.56 -49.71 14.16
N GLY A 384 2.51 -50.56 13.78
CA GLY A 384 2.59 -51.08 12.42
C GLY A 384 2.61 -50.07 11.29
N GLY A 385 3.37 -48.98 11.45
CA GLY A 385 3.43 -47.98 10.39
C GLY A 385 3.93 -46.62 10.77
N CYS A 386 4.30 -45.84 9.76
CA CYS A 386 4.78 -44.47 9.94
C CYS A 386 4.61 -43.73 8.64
N PRO A 387 3.68 -42.76 8.59
CA PRO A 387 3.49 -42.02 7.34
C PRO A 387 4.75 -41.20 7.02
N ALA A 388 5.37 -41.45 5.89
CA ALA A 388 6.58 -40.74 5.54
C ALA A 388 6.59 -40.21 4.12
N ASP A 389 6.95 -38.95 3.95
CA ASP A 389 7.02 -38.35 2.62
C ASP A 389 8.52 -38.29 2.27
N TRP A 390 9.01 -39.34 1.62
CA TRP A 390 10.41 -39.46 1.21
C TRP A 390 10.97 -38.18 0.65
N ILE A 391 10.19 -37.51 -0.20
CA ILE A 391 10.64 -36.28 -0.83
C ILE A 391 11.03 -35.16 0.13
N TRP A 392 10.35 -35.10 1.27
CA TRP A 392 10.66 -34.07 2.26
C TRP A 392 11.66 -34.56 3.31
N LEU A 393 11.64 -35.86 3.62
CA LEU A 393 12.52 -36.43 4.63
C LEU A 393 14.00 -36.51 4.25
N VAL A 394 14.31 -36.67 2.96
CA VAL A 394 15.70 -36.75 2.50
C VAL A 394 16.28 -35.35 2.47
N PRO A 395 17.40 -35.11 3.18
CA PRO A 395 18.07 -33.80 3.24
C PRO A 395 18.39 -33.23 1.87
N PRO A 396 18.46 -31.88 1.76
CA PRO A 396 18.76 -31.19 0.50
C PRO A 396 20.20 -31.35 -0.01
N VAL A 397 21.03 -32.07 0.74
CA VAL A 397 22.40 -32.37 0.35
C VAL A 397 22.72 -33.74 0.92
N SER A 398 23.72 -34.40 0.35
CA SER A 398 24.16 -35.72 0.82
C SER A 398 23.08 -36.80 0.79
N GLY A 399 22.09 -36.64 -0.10
CA GLY A 399 20.98 -37.58 -0.22
C GLY A 399 21.26 -39.04 0.04
N SER A 400 21.97 -39.69 -0.89
CA SER A 400 22.24 -41.12 -0.73
C SER A 400 23.23 -41.44 0.38
N ILE A 401 23.84 -40.42 0.97
CA ILE A 401 24.77 -40.63 2.06
C ILE A 401 23.97 -40.86 3.35
N THR A 402 22.76 -40.29 3.41
CA THR A 402 21.90 -40.46 4.58
C THR A 402 21.15 -41.78 4.41
N PRO A 403 20.81 -42.47 5.52
CA PRO A 403 20.10 -43.74 5.38
C PRO A 403 18.63 -43.66 4.96
N VAL A 404 18.00 -42.49 5.12
CA VAL A 404 16.60 -42.34 4.75
C VAL A 404 16.39 -42.46 3.26
N PHE A 405 17.45 -42.18 2.50
CA PHE A 405 17.39 -42.23 1.05
C PHE A 405 17.13 -43.65 0.57
N HIS A 406 17.65 -44.64 1.28
CA HIS A 406 17.53 -46.04 0.91
C HIS A 406 16.35 -46.75 1.55
N GLN A 407 15.53 -45.98 2.25
CA GLN A 407 14.36 -46.50 2.93
C GLN A 407 13.07 -46.26 2.16
N GLU A 408 12.39 -47.33 1.76
CA GLU A 408 11.13 -47.18 1.05
C GLU A 408 10.10 -46.76 2.08
N MET A 409 9.28 -45.78 1.73
CA MET A 409 8.27 -45.29 2.64
C MET A 409 6.91 -45.00 2.00
N LEU A 410 5.87 -45.13 2.80
CA LEU A 410 4.50 -44.89 2.36
C LEU A 410 3.98 -43.61 2.96
N ASN A 411 3.54 -42.69 2.11
CA ASN A 411 3.00 -41.42 2.54
C ASN A 411 1.47 -41.47 2.57
N TYR A 412 0.88 -41.21 3.73
CA TYR A 412 -0.59 -41.19 3.86
C TYR A 412 -1.02 -40.24 4.96
N VAL A 413 -2.25 -39.74 4.86
CA VAL A 413 -2.81 -38.80 5.83
C VAL A 413 -3.69 -39.44 6.90
N LEU A 414 -3.31 -39.28 8.15
CA LEU A 414 -4.07 -39.82 9.28
C LEU A 414 -4.77 -38.67 10.01
N SER A 415 -5.18 -38.93 11.25
CA SER A 415 -5.84 -37.93 12.10
C SER A 415 -5.57 -38.32 13.54
N PRO A 416 -5.20 -37.34 14.40
CA PRO A 416 -4.99 -35.89 14.20
C PRO A 416 -3.93 -35.58 13.11
N PHE A 417 -3.94 -34.36 12.58
CA PHE A 417 -3.03 -34.00 11.50
C PHE A 417 -2.88 -32.47 11.38
N TYR A 418 -1.70 -32.02 10.94
CA TYR A 418 -1.44 -30.59 10.74
C TYR A 418 -1.56 -30.38 9.25
N TYR A 419 -2.48 -29.51 8.84
CA TYR A 419 -2.72 -29.23 7.44
C TYR A 419 -2.25 -27.85 7.07
N TYR A 420 -2.13 -27.60 5.78
CA TYR A 420 -1.80 -26.28 5.30
C TYR A 420 -3.14 -25.57 5.25
N GLN A 421 -3.11 -24.28 4.93
CA GLN A 421 -4.32 -23.48 4.84
C GLN A 421 -4.09 -22.47 3.71
N ILE A 422 -5.17 -21.93 3.16
CA ILE A 422 -5.05 -20.93 2.10
C ILE A 422 -4.58 -19.66 2.80
N GLU A 423 -3.74 -18.88 2.13
CA GLU A 423 -3.25 -17.63 2.72
C GLU A 423 -4.45 -16.75 3.05
N PRO A 424 -4.57 -16.35 4.32
CA PRO A 424 -5.64 -15.51 4.85
C PRO A 424 -5.96 -14.21 4.12
N TRP A 425 -4.95 -13.54 3.56
CA TRP A 425 -5.22 -12.30 2.83
C TRP A 425 -6.02 -12.56 1.56
N LYS A 426 -6.01 -13.81 1.12
CA LYS A 426 -6.75 -14.22 -0.07
C LYS A 426 -8.22 -14.45 0.25
N THR A 427 -8.49 -14.93 1.47
CA THR A 427 -9.85 -15.21 1.92
C THR A 427 -10.19 -14.40 3.16
N HIS A 428 -10.44 -13.11 2.99
CA HIS A 428 -10.79 -12.24 4.10
C HIS A 428 -11.42 -10.94 3.62
N ILE A 429 -12.31 -10.38 4.43
CA ILE A 429 -12.99 -9.13 4.10
C ILE A 429 -12.87 -8.11 5.22
N TRP A 430 -12.83 -6.83 4.85
CA TRP A 430 -12.74 -5.72 5.81
C TRP A 430 -13.94 -5.78 6.75
N GLN A 431 -15.13 -5.90 6.16
CA GLN A 431 -16.38 -6.00 6.92
C GLN A 431 -17.41 -6.84 6.18
N GLN B 12 -18.85 25.44 19.11
CA GLN B 12 -17.57 24.99 19.75
C GLN B 12 -16.35 25.67 19.12
N TYR B 13 -15.20 25.01 19.21
CA TYR B 13 -13.96 25.56 18.67
C TYR B 13 -13.86 25.56 17.15
N VAL B 14 -13.12 26.54 16.62
CA VAL B 14 -12.88 26.66 15.20
C VAL B 14 -11.47 26.11 14.96
N ARG B 15 -11.35 25.16 14.04
CA ARG B 15 -10.05 24.55 13.75
C ARG B 15 -9.24 25.49 12.86
N ILE B 16 -7.97 25.72 13.25
CA ILE B 16 -7.08 26.60 12.52
C ILE B 16 -5.79 25.84 12.20
N LYS B 17 -5.28 26.00 10.97
CA LYS B 17 -4.07 25.28 10.55
C LYS B 17 -2.90 26.13 10.05
N ASN B 18 -1.71 25.63 10.33
CA ASN B 18 -0.46 26.26 9.89
C ASN B 18 0.05 25.33 8.81
N TRP B 19 0.02 25.79 7.57
CA TRP B 19 0.47 25.00 6.45
C TRP B 19 1.97 24.79 6.37
N GLY B 20 2.72 25.57 7.13
CA GLY B 20 4.16 25.44 7.12
C GLY B 20 4.64 24.33 8.03
N SER B 21 3.94 24.13 9.13
CA SER B 21 4.31 23.11 10.11
C SER B 21 3.28 21.99 10.20
N GLY B 22 2.12 22.21 9.59
CA GLY B 22 1.05 21.23 9.62
C GLY B 22 0.31 21.21 10.94
N GLU B 23 0.70 22.07 11.87
CA GLU B 23 0.08 22.14 13.19
C GLU B 23 -1.34 22.72 13.17
N ILE B 24 -2.18 22.17 14.04
CA ILE B 24 -3.56 22.61 14.17
C ILE B 24 -3.82 23.19 15.55
N LEU B 25 -4.63 24.23 15.59
CA LEU B 25 -5.00 24.90 16.82
C LEU B 25 -6.51 25.03 16.89
N HIS B 26 -7.05 25.06 18.10
CA HIS B 26 -8.49 25.19 18.31
C HIS B 26 -8.85 26.52 18.93
N ASP B 27 -9.59 27.34 18.20
CA ASP B 27 -9.97 28.65 18.69
C ASP B 27 -11.31 28.67 19.41
N THR B 28 -11.26 29.00 20.70
CA THR B 28 -12.47 29.10 21.52
C THR B 28 -12.70 30.55 21.92
N LEU B 29 -11.62 31.31 22.05
CA LEU B 29 -11.66 32.72 22.46
C LEU B 29 -12.58 33.59 21.61
N HIS B 30 -12.80 33.22 20.35
CA HIS B 30 -13.66 34.00 19.47
C HIS B 30 -15.08 34.13 20.02
N HIS B 31 -15.46 33.22 20.92
CA HIS B 31 -16.78 33.26 21.52
C HIS B 31 -16.99 34.53 22.35
N LYS B 32 -15.88 35.13 22.79
CA LYS B 32 -15.97 36.37 23.59
C LYS B 32 -16.07 37.61 22.71
N ALA B 33 -16.04 37.42 21.39
CA ALA B 33 -16.13 38.54 20.45
C ALA B 33 -17.35 39.42 20.67
N THR B 34 -17.17 40.72 20.44
CA THR B 34 -18.24 41.70 20.63
C THR B 34 -19.44 41.46 19.73
N SER B 35 -19.18 40.90 18.55
CA SER B 35 -20.26 40.62 17.60
C SER B 35 -20.34 39.13 17.26
N SER B 43 -15.83 35.43 14.72
CA SER B 43 -14.46 35.46 14.12
C SER B 43 -14.51 35.61 12.60
N CYS B 44 -13.41 36.06 12.02
CA CYS B 44 -13.31 36.24 10.59
C CYS B 44 -12.51 35.07 10.03
N LEU B 45 -13.12 34.35 9.07
CA LEU B 45 -12.50 33.19 8.44
C LEU B 45 -11.78 33.57 7.14
N GLY B 46 -11.32 34.82 7.07
CA GLY B 46 -10.64 35.33 5.90
C GLY B 46 -9.40 34.60 5.40
N SER B 47 -8.49 34.28 6.31
CA SER B 47 -7.26 33.60 5.91
C SER B 47 -7.37 32.06 5.89
N ILE B 48 -8.58 31.54 5.84
CA ILE B 48 -8.77 30.10 5.79
C ILE B 48 -8.59 29.65 4.34
N MET B 49 -7.74 28.66 4.13
CA MET B 49 -7.48 28.18 2.77
C MET B 49 -8.67 27.50 2.12
N ASN B 50 -9.22 26.50 2.81
CA ASN B 50 -10.36 25.76 2.28
C ASN B 50 -11.64 25.89 3.12
N PRO B 51 -12.31 27.06 3.07
CA PRO B 51 -13.54 27.14 3.87
C PRO B 51 -14.67 26.38 3.17
N LYS B 52 -15.65 25.93 3.94
CA LYS B 52 -16.79 25.19 3.40
C LYS B 52 -17.51 26.01 2.34
N SER B 53 -17.54 27.32 2.53
CA SER B 53 -18.20 28.22 1.58
C SER B 53 -17.60 28.16 0.17
N LEU B 54 -16.40 27.61 0.08
CA LEU B 54 -15.70 27.52 -1.20
C LEU B 54 -15.65 26.07 -1.71
N THR B 55 -16.28 25.15 -1.00
CA THR B 55 -16.27 23.75 -1.39
C THR B 55 -17.66 23.23 -1.80
N ARG B 56 -17.67 22.32 -2.76
CA ARG B 56 -18.91 21.67 -3.24
C ARG B 56 -18.66 20.19 -3.10
N GLY B 57 -19.22 19.60 -2.05
CA GLY B 57 -19.03 18.19 -1.77
C GLY B 57 -19.72 17.22 -2.70
N PRO B 58 -19.58 15.90 -2.44
CA PRO B 58 -20.19 14.85 -3.24
C PRO B 58 -21.71 14.76 -3.01
N ARG B 59 -22.36 13.85 -3.72
CA ARG B 59 -23.80 13.65 -3.61
C ARG B 59 -24.19 12.19 -3.64
N ASP B 60 -25.46 11.94 -3.33
CA ASP B 60 -26.02 10.60 -3.29
C ASP B 60 -27.28 10.51 -4.14
N LYS B 61 -27.79 11.67 -4.55
CA LYS B 61 -29.00 11.74 -5.36
C LYS B 61 -28.99 13.05 -6.13
N PRO B 62 -29.74 13.11 -7.24
CA PRO B 62 -29.80 14.33 -8.05
C PRO B 62 -30.25 15.59 -7.33
N THR B 63 -29.85 16.73 -7.88
CA THR B 63 -30.21 18.03 -7.33
C THR B 63 -31.73 18.17 -7.32
N PRO B 64 -32.31 18.46 -6.14
CA PRO B 64 -33.76 18.62 -6.05
C PRO B 64 -34.24 19.60 -7.12
N LEU B 65 -35.28 19.17 -7.84
CA LEU B 65 -35.88 19.93 -8.93
C LEU B 65 -36.29 21.33 -8.53
N GLU B 66 -36.69 21.50 -7.28
CA GLU B 66 -37.12 22.81 -6.78
C GLU B 66 -35.98 23.82 -6.73
N GLU B 67 -34.78 23.37 -6.36
CA GLU B 67 -33.63 24.27 -6.31
C GLU B 67 -32.90 24.44 -7.64
N LEU B 68 -32.88 23.37 -8.45
CA LEU B 68 -32.21 23.40 -9.75
C LEU B 68 -32.88 24.38 -10.73
N LEU B 69 -34.19 24.29 -10.84
CA LEU B 69 -34.96 25.13 -11.74
C LEU B 69 -34.65 26.63 -11.65
N PRO B 70 -34.83 27.27 -10.48
CA PRO B 70 -34.54 28.71 -10.39
C PRO B 70 -33.08 29.08 -10.72
N HIS B 71 -32.13 28.20 -10.41
CA HIS B 71 -30.74 28.45 -10.77
C HIS B 71 -30.58 28.44 -12.30
N ALA B 72 -31.21 27.47 -12.95
CA ALA B 72 -31.16 27.35 -14.40
C ALA B 72 -31.73 28.60 -15.06
N ILE B 73 -32.89 29.04 -14.61
CA ILE B 73 -33.51 30.24 -15.18
C ILE B 73 -32.56 31.42 -15.05
N GLU B 74 -31.96 31.55 -13.86
CA GLU B 74 -31.02 32.65 -13.59
C GLU B 74 -29.84 32.61 -14.59
N PHE B 75 -29.25 31.43 -14.77
CA PHE B 75 -28.16 31.29 -15.74
C PHE B 75 -28.57 31.61 -17.18
N ILE B 76 -29.73 31.12 -17.64
CA ILE B 76 -30.16 31.39 -19.01
C ILE B 76 -30.38 32.89 -19.22
N ASN B 77 -30.81 33.58 -18.16
CA ASN B 77 -31.05 35.02 -18.19
C ASN B 77 -29.72 35.77 -18.28
N GLN B 78 -28.73 35.24 -17.57
CA GLN B 78 -27.38 35.80 -17.54
C GLN B 78 -26.77 35.69 -18.94
N TYR B 79 -26.90 34.50 -19.52
CA TYR B 79 -26.38 34.20 -20.85
C TYR B 79 -26.96 35.11 -21.92
N TYR B 80 -28.29 35.21 -21.95
CA TYR B 80 -28.98 36.05 -22.92
C TYR B 80 -28.80 37.53 -22.68
N GLY B 81 -28.47 37.88 -21.44
CA GLY B 81 -28.25 39.27 -21.10
C GLY B 81 -26.88 39.73 -21.59
N SER B 82 -25.99 38.78 -21.84
CA SER B 82 -24.63 39.07 -22.33
C SER B 82 -24.63 39.66 -23.72
N PHE B 83 -25.55 39.19 -24.55
CA PHE B 83 -25.66 39.65 -25.93
C PHE B 83 -25.80 41.16 -26.01
N LYS B 84 -24.97 41.77 -26.87
CA LYS B 84 -25.02 43.22 -27.06
C LYS B 84 -26.36 43.51 -27.73
N GLU B 85 -26.68 42.70 -28.73
CA GLU B 85 -27.94 42.80 -29.46
C GLU B 85 -28.81 41.67 -28.92
N ALA B 86 -29.77 42.02 -28.08
CA ALA B 86 -30.65 41.03 -27.46
C ALA B 86 -31.41 40.15 -28.44
N LYS B 87 -31.71 38.94 -28.01
CA LYS B 87 -32.46 37.97 -28.80
C LYS B 87 -33.58 37.44 -27.91
N ILE B 88 -34.61 38.26 -27.74
CA ILE B 88 -35.76 37.93 -26.89
C ILE B 88 -36.46 36.61 -27.18
N GLU B 89 -36.78 36.37 -28.46
CA GLU B 89 -37.47 35.13 -28.83
C GLU B 89 -36.71 33.88 -28.42
N GLU B 90 -35.42 33.83 -28.77
CA GLU B 90 -34.57 32.68 -28.43
C GLU B 90 -34.44 32.52 -26.92
N HIS B 91 -34.37 33.66 -26.23
CA HIS B 91 -34.26 33.70 -24.78
C HIS B 91 -35.48 33.06 -24.13
N LEU B 92 -36.66 33.53 -24.53
CA LEU B 92 -37.92 33.00 -24.01
C LEU B 92 -38.06 31.54 -24.39
N ALA B 93 -37.70 31.23 -25.64
CA ALA B 93 -37.78 29.86 -26.14
C ALA B 93 -36.87 28.93 -25.34
N ARG B 94 -35.65 29.39 -25.07
CA ARG B 94 -34.68 28.58 -24.33
C ARG B 94 -35.18 28.41 -22.90
N LEU B 95 -35.74 29.47 -22.34
CA LEU B 95 -36.28 29.40 -20.98
C LEU B 95 -37.33 28.30 -20.92
N GLU B 96 -38.21 28.30 -21.92
CA GLU B 96 -39.28 27.32 -22.01
C GLU B 96 -38.71 25.91 -22.13
N ALA B 97 -37.80 25.73 -23.09
CA ALA B 97 -37.19 24.42 -23.33
C ALA B 97 -36.49 23.89 -22.08
N VAL B 98 -35.72 24.74 -21.42
CA VAL B 98 -34.98 24.33 -20.22
C VAL B 98 -35.94 23.92 -19.09
N THR B 99 -36.97 24.72 -18.88
CA THR B 99 -37.97 24.42 -17.87
C THR B 99 -38.59 23.05 -18.14
N LYS B 100 -38.99 22.83 -19.40
CA LYS B 100 -39.60 21.57 -19.82
C LYS B 100 -38.66 20.40 -19.68
N GLU B 101 -37.40 20.59 -20.12
CA GLU B 101 -36.41 19.53 -20.07
C GLU B 101 -36.16 19.05 -18.65
N ILE B 102 -36.07 19.99 -17.72
CA ILE B 102 -35.84 19.69 -16.31
C ILE B 102 -37.01 18.88 -15.77
N GLU B 103 -38.20 19.14 -16.30
CA GLU B 103 -39.40 18.44 -15.88
C GLU B 103 -39.51 17.07 -16.55
N THR B 104 -39.02 16.95 -17.77
CA THR B 104 -39.07 15.69 -18.50
C THR B 104 -37.86 14.77 -18.28
N THR B 105 -36.79 15.31 -17.68
CA THR B 105 -35.60 14.50 -17.46
C THR B 105 -35.04 14.56 -16.05
N GLY B 106 -35.11 15.74 -15.44
CA GLY B 106 -34.57 15.91 -14.10
C GLY B 106 -33.44 16.93 -14.06
N THR B 107 -32.75 17.08 -15.19
CA THR B 107 -31.66 18.04 -15.34
C THR B 107 -31.80 18.63 -16.72
N TYR B 108 -30.71 19.17 -17.24
CA TYR B 108 -30.73 19.73 -18.57
C TYR B 108 -29.32 19.83 -19.09
N GLN B 109 -29.21 19.96 -20.41
CA GLN B 109 -27.93 20.06 -21.05
C GLN B 109 -27.72 21.48 -21.52
N LEU B 110 -26.51 21.99 -21.31
CA LEU B 110 -26.18 23.34 -21.77
C LEU B 110 -25.84 23.23 -23.25
N THR B 111 -26.05 24.31 -23.99
CA THR B 111 -25.68 24.31 -25.39
C THR B 111 -24.18 24.59 -25.32
N LEU B 112 -23.43 24.18 -26.34
CA LEU B 112 -21.99 24.39 -26.35
C LEU B 112 -21.65 25.86 -26.11
N ASP B 113 -22.43 26.76 -26.70
CA ASP B 113 -22.20 28.17 -26.54
C ASP B 113 -22.41 28.63 -25.10
N GLU B 114 -23.41 28.06 -24.43
CA GLU B 114 -23.68 28.40 -23.03
C GLU B 114 -22.54 27.91 -22.14
N LEU B 115 -22.01 26.72 -22.45
CA LEU B 115 -20.92 26.13 -21.70
C LEU B 115 -19.67 27.00 -21.80
N ILE B 116 -19.35 27.41 -23.02
CA ILE B 116 -18.19 28.26 -23.28
C ILE B 116 -18.33 29.52 -22.42
N PHE B 117 -19.51 30.11 -22.47
CA PHE B 117 -19.82 31.32 -21.70
C PHE B 117 -19.66 31.04 -20.21
N ALA B 118 -20.12 29.87 -19.78
CA ALA B 118 -20.04 29.49 -18.37
C ALA B 118 -18.61 29.32 -17.87
N THR B 119 -17.74 28.71 -18.68
CA THR B 119 -16.35 28.48 -18.27
C THR B 119 -15.60 29.79 -18.10
N LYS B 120 -15.91 30.74 -18.98
CA LYS B 120 -15.30 32.06 -18.95
C LYS B 120 -15.81 32.94 -17.81
N MET B 121 -17.12 32.88 -17.53
CA MET B 121 -17.71 33.65 -16.46
C MET B 121 -17.19 33.15 -15.12
N ALA B 122 -17.04 31.83 -15.02
CA ALA B 122 -16.53 31.21 -13.80
C ALA B 122 -15.08 31.67 -13.52
N TRP B 123 -14.29 31.77 -14.59
CA TRP B 123 -12.91 32.22 -14.48
C TRP B 123 -13.00 33.68 -14.04
N ARG B 124 -13.88 34.42 -14.72
CA ARG B 124 -14.11 35.82 -14.45
C ARG B 124 -14.56 36.04 -12.99
N ASN B 125 -15.18 35.00 -12.40
CA ASN B 125 -15.68 35.05 -11.03
C ASN B 125 -14.77 34.41 -9.99
N ALA B 126 -13.57 33.99 -10.39
CA ALA B 126 -12.62 33.36 -9.46
C ALA B 126 -11.91 34.48 -8.67
N PRO B 127 -12.27 34.64 -7.39
CA PRO B 127 -11.66 35.68 -6.54
C PRO B 127 -10.16 35.55 -6.35
N ARG B 128 -9.68 34.32 -6.29
CA ARG B 128 -8.28 34.04 -6.08
C ARG B 128 -7.31 34.05 -7.29
N CYS B 129 -7.75 34.56 -8.44
CA CYS B 129 -6.94 34.62 -9.67
C CYS B 129 -6.53 36.01 -10.18
N ILE B 130 -5.22 36.26 -10.30
CA ILE B 130 -4.69 37.55 -10.81
C ILE B 130 -4.73 37.65 -12.31
N GLY B 131 -4.81 36.50 -12.99
CA GLY B 131 -4.80 36.48 -14.44
C GLY B 131 -6.11 36.78 -15.14
N ARG B 132 -7.15 37.06 -14.36
CA ARG B 132 -8.48 37.32 -14.90
C ARG B 132 -8.61 38.33 -16.05
N ILE B 133 -7.56 39.08 -16.38
CA ILE B 133 -7.71 40.01 -17.49
C ILE B 133 -7.80 39.22 -18.81
N GLN B 134 -7.39 37.96 -18.73
CA GLN B 134 -7.41 37.04 -19.87
C GLN B 134 -8.69 36.21 -19.96
N TRP B 135 -9.64 36.43 -19.04
CA TRP B 135 -10.87 35.65 -18.98
C TRP B 135 -11.62 35.33 -20.27
N SER B 136 -11.66 36.26 -21.20
CA SER B 136 -12.36 36.03 -22.46
C SER B 136 -11.57 35.13 -23.44
N ASN B 137 -10.28 34.94 -23.19
CA ASN B 137 -9.45 34.10 -24.06
C ASN B 137 -9.24 32.73 -23.45
N LEU B 138 -10.18 31.84 -23.73
CA LEU B 138 -10.12 30.48 -23.21
C LEU B 138 -10.63 29.51 -24.26
N GLN B 139 -9.89 28.44 -24.46
CA GLN B 139 -10.27 27.42 -25.42
C GLN B 139 -11.01 26.35 -24.63
N VAL B 140 -12.18 25.98 -25.11
CA VAL B 140 -13.00 24.98 -24.42
C VAL B 140 -13.07 23.67 -25.18
N PHE B 141 -12.72 22.58 -24.51
CA PHE B 141 -12.79 21.25 -25.12
C PHE B 141 -13.99 20.57 -24.49
N ASP B 142 -14.98 20.28 -25.33
CA ASP B 142 -16.22 19.63 -24.89
C ASP B 142 -16.10 18.12 -24.86
N ALA B 143 -15.91 17.57 -23.67
CA ALA B 143 -15.79 16.13 -23.50
C ALA B 143 -16.97 15.58 -22.69
N ARG B 144 -18.12 16.26 -22.79
CA ARG B 144 -19.31 15.85 -22.06
C ARG B 144 -19.84 14.47 -22.47
N ASN B 145 -19.44 14.02 -23.66
CA ASN B 145 -19.85 12.71 -24.17
C ASN B 145 -18.88 11.59 -23.79
N CYS B 146 -17.86 11.93 -23.00
CA CYS B 146 -16.88 10.95 -22.57
C CYS B 146 -17.53 9.89 -21.68
N SER B 147 -16.98 8.68 -21.66
CA SER B 147 -17.57 7.63 -20.86
C SER B 147 -16.62 6.68 -20.15
N THR B 148 -15.37 6.68 -20.55
CA THR B 148 -14.40 5.79 -19.90
C THR B 148 -13.15 6.54 -19.46
N ALA B 149 -12.39 5.91 -18.58
CA ALA B 149 -11.15 6.49 -18.09
C ALA B 149 -10.21 6.72 -19.27
N GLN B 150 -10.12 5.71 -20.15
CA GLN B 150 -9.27 5.76 -21.34
C GLN B 150 -9.61 6.96 -22.21
N GLU B 151 -10.89 7.27 -22.35
CA GLU B 151 -11.32 8.40 -23.15
C GLU B 151 -10.96 9.72 -22.45
N MET B 152 -10.94 9.70 -21.12
CA MET B 152 -10.59 10.90 -20.34
C MET B 152 -9.12 11.17 -20.56
N PHE B 153 -8.32 10.11 -20.46
CA PHE B 153 -6.88 10.19 -20.64
C PHE B 153 -6.48 10.77 -22.00
N GLN B 154 -7.24 10.42 -23.03
CA GLN B 154 -6.96 10.92 -24.39
C GLN B 154 -7.32 12.38 -24.47
N HIS B 155 -8.44 12.75 -23.87
CA HIS B 155 -8.89 14.14 -23.86
C HIS B 155 -7.88 15.02 -23.13
N ILE B 156 -7.30 14.46 -22.07
CA ILE B 156 -6.32 15.18 -21.26
C ILE B 156 -5.03 15.34 -22.05
N CYS B 157 -4.57 14.28 -22.71
CA CYS B 157 -3.35 14.36 -23.51
C CYS B 157 -3.56 15.41 -24.61
N ARG B 158 -4.78 15.51 -25.11
CA ARG B 158 -5.11 16.48 -26.14
C ARG B 158 -5.03 17.89 -25.57
N HIS B 159 -5.55 18.06 -24.35
CA HIS B 159 -5.56 19.34 -23.65
C HIS B 159 -4.11 19.78 -23.39
N ILE B 160 -3.33 18.90 -22.78
CA ILE B 160 -1.93 19.18 -22.48
C ILE B 160 -1.18 19.64 -23.70
N LEU B 161 -1.36 18.92 -24.81
CA LEU B 161 -0.68 19.23 -26.07
C LEU B 161 -1.11 20.58 -26.63
N TYR B 162 -2.40 20.85 -26.64
CA TYR B 162 -2.90 22.13 -27.15
C TYR B 162 -2.42 23.32 -26.32
N ALA B 163 -2.51 23.16 -25.01
CA ALA B 163 -2.13 24.21 -24.07
C ALA B 163 -0.64 24.53 -24.05
N THR B 164 0.20 23.49 -24.05
CA THR B 164 1.65 23.66 -24.03
C THR B 164 2.12 24.40 -25.26
N ASN B 165 1.61 23.98 -26.43
CA ASN B 165 1.91 24.61 -27.71
C ASN B 165 3.41 24.91 -27.93
N ASN B 166 4.25 23.96 -27.54
CA ASN B 166 5.70 24.12 -27.71
C ASN B 166 6.27 25.32 -26.95
N GLY B 167 5.64 25.65 -25.81
CA GLY B 167 6.12 26.76 -25.01
C GLY B 167 5.30 28.04 -25.11
N ASN B 168 4.55 28.20 -26.18
CA ASN B 168 3.71 29.39 -26.32
C ASN B 168 2.35 29.02 -25.70
N ILE B 169 2.33 28.93 -24.37
CA ILE B 169 1.16 28.55 -23.60
C ILE B 169 -0.18 29.20 -23.98
N ARG B 170 -1.21 28.36 -24.12
CA ARG B 170 -2.56 28.81 -24.46
C ARG B 170 -3.49 28.34 -23.35
N SER B 171 -4.38 29.24 -22.90
CA SER B 171 -5.33 28.88 -21.83
C SER B 171 -6.43 28.01 -22.38
N ALA B 172 -6.71 26.90 -21.67
CA ALA B 172 -7.75 25.96 -22.08
C ALA B 172 -8.43 25.23 -20.92
N ILE B 173 -9.57 24.61 -21.21
CA ILE B 173 -10.32 23.86 -20.21
C ILE B 173 -11.07 22.72 -20.90
N THR B 174 -11.08 21.55 -20.24
CA THR B 174 -11.76 20.40 -20.78
C THR B 174 -12.92 20.01 -19.85
N VAL B 175 -14.15 20.17 -20.36
CA VAL B 175 -15.36 19.86 -19.61
C VAL B 175 -15.88 18.42 -19.80
N PHE B 176 -15.76 17.60 -18.77
CA PHE B 176 -16.24 16.23 -18.80
C PHE B 176 -17.74 16.17 -18.41
N PRO B 177 -18.36 14.98 -18.41
CA PRO B 177 -19.80 14.88 -18.06
C PRO B 177 -20.20 15.46 -16.70
N GLN B 178 -21.29 16.23 -16.71
CA GLN B 178 -21.82 16.84 -15.49
C GLN B 178 -22.30 15.78 -14.50
N ARG B 179 -22.35 16.15 -13.23
CA ARG B 179 -22.80 15.25 -12.19
C ARG B 179 -24.30 14.97 -12.39
N SER B 180 -24.69 13.72 -12.26
CA SER B 180 -26.08 13.34 -12.43
C SER B 180 -26.73 13.09 -11.08
N ASP B 181 -26.53 11.89 -10.55
CA ASP B 181 -27.08 11.51 -9.25
C ASP B 181 -25.98 11.53 -8.18
N GLY B 182 -24.80 12.00 -8.58
CA GLY B 182 -23.68 12.06 -7.67
C GLY B 182 -22.99 10.73 -7.45
N LYS B 183 -23.57 9.67 -8.01
CA LYS B 183 -22.99 8.33 -7.87
C LYS B 183 -22.27 7.90 -9.15
N HIS B 184 -22.27 8.76 -10.16
CA HIS B 184 -21.62 8.46 -11.43
C HIS B 184 -20.79 9.62 -11.98
N ASP B 185 -19.97 10.25 -11.14
CA ASP B 185 -19.20 11.37 -11.66
C ASP B 185 -17.76 11.14 -12.07
N PHE B 186 -17.31 12.01 -12.96
CA PHE B 186 -15.95 11.96 -13.46
C PHE B 186 -15.08 12.83 -12.55
N ARG B 187 -13.95 12.28 -12.12
CA ARG B 187 -13.06 13.02 -11.25
C ARG B 187 -11.59 12.71 -11.53
N LEU B 188 -10.77 13.74 -11.61
CA LEU B 188 -9.32 13.55 -11.76
C LEU B 188 -8.85 13.62 -10.32
N TRP B 189 -8.20 12.57 -9.86
CA TRP B 189 -7.70 12.50 -8.49
C TRP B 189 -6.45 13.38 -8.25
N ASN B 190 -5.85 13.85 -9.34
CA ASN B 190 -4.66 14.71 -9.26
C ASN B 190 -5.07 16.14 -8.89
N SER B 191 -4.15 16.87 -8.27
CA SER B 191 -4.43 18.25 -7.91
C SER B 191 -4.16 19.09 -9.15
N GLN B 192 -3.12 18.72 -9.89
CA GLN B 192 -2.76 19.41 -11.14
C GLN B 192 -2.45 18.35 -12.19
N LEU B 193 -2.69 18.67 -13.46
CA LEU B 193 -2.42 17.72 -14.55
C LEU B 193 -1.01 17.18 -14.45
N ILE B 194 -0.05 18.09 -14.34
CA ILE B 194 1.36 17.73 -14.20
C ILE B 194 1.86 18.19 -12.83
N ARG B 195 2.39 17.26 -12.06
CA ARG B 195 2.88 17.53 -10.72
C ARG B 195 4.01 16.52 -10.47
N TYR B 196 4.94 16.82 -9.56
CA TYR B 196 6.04 15.91 -9.27
C TYR B 196 5.77 15.09 -8.04
N ALA B 197 6.35 13.89 -8.01
CA ALA B 197 6.19 12.96 -6.91
C ALA B 197 6.98 13.38 -5.67
N GLY B 198 6.59 12.83 -4.53
CA GLY B 198 7.25 13.10 -3.27
C GLY B 198 7.37 11.78 -2.54
N TYR B 199 8.59 11.35 -2.26
CA TYR B 199 8.81 10.09 -1.56
C TYR B 199 9.54 10.30 -0.25
N GLN B 200 9.07 9.67 0.81
CA GLN B 200 9.76 9.76 2.09
C GLN B 200 10.77 8.62 2.07
N MET B 201 11.99 8.92 1.65
CA MET B 201 13.08 7.96 1.55
C MET B 201 13.29 7.12 2.81
N PRO B 202 13.86 5.91 2.63
CA PRO B 202 14.14 4.98 3.73
C PRO B 202 15.08 5.58 4.76
N ASP B 203 15.93 6.50 4.30
CA ASP B 203 16.89 7.17 5.18
C ASP B 203 16.27 8.36 5.94
N GLY B 204 14.94 8.38 6.03
CA GLY B 204 14.23 9.42 6.75
C GLY B 204 13.96 10.72 6.03
N THR B 205 14.74 11.02 4.99
CA THR B 205 14.58 12.26 4.25
C THR B 205 13.44 12.20 3.23
N ILE B 206 12.92 13.37 2.88
CA ILE B 206 11.86 13.48 1.89
C ILE B 206 12.52 13.85 0.57
N ARG B 207 12.05 13.23 -0.51
CA ARG B 207 12.60 13.44 -1.84
C ARG B 207 11.53 13.97 -2.78
N GLY B 208 11.86 14.96 -3.59
CA GLY B 208 10.90 15.53 -4.52
C GLY B 208 9.94 16.52 -3.88
N ASP B 209 8.69 16.51 -4.33
CA ASP B 209 7.69 17.42 -3.81
C ASP B 209 6.96 16.85 -2.60
N ALA B 210 7.30 17.40 -1.44
CA ALA B 210 6.71 16.98 -0.17
C ALA B 210 5.21 17.15 -0.13
N ALA B 211 4.70 18.09 -0.92
CA ALA B 211 3.28 18.36 -0.97
C ALA B 211 2.44 17.23 -1.60
N THR B 212 3.07 16.41 -2.43
CA THR B 212 2.37 15.31 -3.08
C THR B 212 2.77 13.96 -2.47
N LEU B 213 3.20 13.98 -1.21
CA LEU B 213 3.60 12.76 -0.52
C LEU B 213 2.48 11.71 -0.44
N GLU B 214 1.32 12.13 0.06
CA GLU B 214 0.18 11.25 0.23
C GLU B 214 -0.32 10.73 -1.10
N PHE B 215 -0.54 11.63 -2.06
CA PHE B 215 -1.03 11.23 -3.39
C PHE B 215 -0.04 10.30 -4.08
N THR B 216 1.25 10.48 -3.78
CA THR B 216 2.29 9.65 -4.35
C THR B 216 2.14 8.24 -3.82
N GLN B 217 1.79 8.12 -2.55
CA GLN B 217 1.60 6.82 -1.92
C GLN B 217 0.37 6.16 -2.55
N LEU B 218 -0.64 6.97 -2.89
CA LEU B 218 -1.86 6.48 -3.49
C LEU B 218 -1.56 5.87 -4.86
N CYS B 219 -0.78 6.57 -5.66
CA CYS B 219 -0.41 6.08 -6.99
C CYS B 219 0.37 4.78 -6.85
N ILE B 220 1.30 4.76 -5.91
CA ILE B 220 2.12 3.58 -5.66
C ILE B 220 1.23 2.41 -5.20
N ASP B 221 0.19 2.74 -4.44
CA ASP B 221 -0.74 1.73 -3.97
C ASP B 221 -1.51 1.18 -5.15
N LEU B 222 -1.86 2.07 -6.08
CA LEU B 222 -2.61 1.70 -7.27
C LEU B 222 -1.75 1.03 -8.34
N GLY B 223 -0.56 0.58 -7.96
CA GLY B 223 0.32 -0.10 -8.90
C GLY B 223 1.38 0.71 -9.63
N TRP B 224 1.36 2.03 -9.49
CA TRP B 224 2.35 2.89 -10.15
C TRP B 224 3.76 2.55 -9.68
N LYS B 225 4.71 2.76 -10.58
CA LYS B 225 6.12 2.46 -10.36
C LYS B 225 6.91 3.69 -9.92
N PRO B 226 7.35 3.72 -8.66
CA PRO B 226 8.13 4.82 -8.06
C PRO B 226 9.58 4.86 -8.54
N ARG B 227 9.99 6.01 -9.08
CA ARG B 227 11.34 6.18 -9.59
C ARG B 227 12.30 6.80 -8.57
N TYR B 228 11.75 7.26 -7.46
CA TYR B 228 12.52 7.86 -6.36
C TYR B 228 13.43 9.05 -6.71
N GLY B 229 13.05 9.79 -7.75
CA GLY B 229 13.81 10.95 -8.15
C GLY B 229 13.29 12.18 -7.44
N ARG B 230 13.78 13.36 -7.81
CA ARG B 230 13.34 14.59 -7.19
C ARG B 230 12.40 15.37 -8.11
N PHE B 231 12.26 14.89 -9.34
CA PHE B 231 11.38 15.53 -10.31
C PHE B 231 10.64 14.53 -11.22
N ASP B 232 10.02 13.53 -10.62
CA ASP B 232 9.27 12.52 -11.37
C ASP B 232 7.80 12.91 -11.55
N VAL B 233 7.38 13.06 -12.80
CA VAL B 233 6.00 13.41 -13.10
C VAL B 233 5.07 12.26 -12.69
N LEU B 234 4.12 12.57 -11.81
CA LEU B 234 3.16 11.59 -11.34
C LEU B 234 2.17 11.23 -12.44
N PRO B 235 1.57 10.04 -12.35
CA PRO B 235 0.61 9.58 -13.34
C PRO B 235 -0.76 10.21 -13.15
N LEU B 236 -1.55 10.21 -14.21
CA LEU B 236 -2.91 10.70 -14.17
C LEU B 236 -3.73 9.61 -13.50
N VAL B 237 -4.54 9.97 -12.50
CA VAL B 237 -5.40 9.01 -11.81
C VAL B 237 -6.81 9.50 -12.15
N LEU B 238 -7.44 8.80 -13.10
CA LEU B 238 -8.77 9.17 -13.59
C LEU B 238 -9.92 8.25 -13.20
N GLN B 239 -11.02 8.89 -12.79
CA GLN B 239 -12.24 8.21 -12.37
C GLN B 239 -13.36 8.62 -13.32
N ALA B 240 -13.97 7.64 -13.99
CA ALA B 240 -15.05 7.93 -14.93
C ALA B 240 -16.33 7.21 -14.53
N ASP B 241 -17.45 7.90 -14.68
CA ASP B 241 -18.75 7.34 -14.35
C ASP B 241 -18.75 6.66 -12.97
N GLY B 242 -18.20 7.35 -11.97
CA GLY B 242 -18.14 6.83 -10.62
C GLY B 242 -17.38 5.54 -10.41
N GLN B 243 -16.74 5.01 -11.46
CA GLN B 243 -15.98 3.77 -11.33
C GLN B 243 -14.69 4.00 -10.56
N ASP B 244 -14.05 2.91 -10.12
CA ASP B 244 -12.78 3.02 -9.42
C ASP B 244 -11.81 3.70 -10.39
N PRO B 245 -10.86 4.50 -9.87
CA PRO B 245 -9.89 5.19 -10.71
C PRO B 245 -8.86 4.30 -11.38
N GLU B 246 -8.44 4.70 -12.57
CA GLU B 246 -7.43 3.98 -13.36
C GLU B 246 -6.21 4.90 -13.53
N VAL B 247 -5.03 4.31 -13.44
CA VAL B 247 -3.77 5.05 -13.54
C VAL B 247 -3.17 5.09 -14.96
N PHE B 248 -2.74 6.28 -15.38
CA PHE B 248 -2.16 6.46 -16.72
C PHE B 248 -0.90 7.32 -16.66
N GLU B 249 0.22 6.79 -17.14
CA GLU B 249 1.45 7.57 -17.17
C GLU B 249 1.31 8.62 -18.26
N ILE B 250 1.70 9.85 -17.96
CA ILE B 250 1.61 10.91 -18.95
C ILE B 250 2.80 10.73 -19.93
N PRO B 251 2.54 10.76 -21.24
CA PRO B 251 3.60 10.62 -22.24
C PRO B 251 4.65 11.71 -22.09
N PRO B 252 5.89 11.34 -21.74
CA PRO B 252 6.99 12.30 -21.56
C PRO B 252 7.12 13.35 -22.66
N ASP B 253 6.74 13.00 -23.88
CA ASP B 253 6.80 13.89 -25.03
C ASP B 253 5.83 15.07 -24.87
N LEU B 254 4.84 14.90 -24.00
CA LEU B 254 3.85 15.94 -23.74
C LEU B 254 4.23 16.92 -22.62
N VAL B 255 5.06 16.46 -21.67
CA VAL B 255 5.48 17.30 -20.54
C VAL B 255 6.67 18.23 -20.87
N LEU B 256 6.39 19.50 -21.14
CA LEU B 256 7.43 20.48 -21.45
C LEU B 256 8.01 20.99 -20.12
N GLU B 257 9.33 20.89 -19.95
CA GLU B 257 9.99 21.36 -18.74
C GLU B 257 11.03 22.43 -19.05
N VAL B 258 11.35 23.20 -18.01
CA VAL B 258 12.33 24.28 -18.13
C VAL B 258 13.46 24.04 -17.14
N THR B 259 14.70 24.04 -17.61
CA THR B 259 15.83 23.82 -16.71
C THR B 259 16.21 25.17 -16.12
N MET B 260 16.44 25.18 -14.82
CA MET B 260 16.77 26.42 -14.10
C MET B 260 18.22 26.85 -14.12
N GLU B 261 18.42 28.09 -14.55
CA GLU B 261 19.75 28.69 -14.59
C GLU B 261 19.67 30.21 -14.40
N HIS B 262 20.64 30.76 -13.68
CA HIS B 262 20.72 32.19 -13.40
C HIS B 262 21.53 32.89 -14.50
N PRO B 263 21.10 34.10 -14.93
CA PRO B 263 21.79 34.87 -15.98
C PRO B 263 23.25 35.18 -15.62
N LYS B 264 23.52 35.17 -14.32
CA LYS B 264 24.85 35.35 -13.74
C LYS B 264 24.89 34.09 -12.88
N TYR B 265 25.81 33.97 -11.94
CA TYR B 265 25.87 32.77 -11.09
C TYR B 265 25.74 31.48 -11.90
N GLU B 266 26.82 31.05 -12.52
CA GLU B 266 26.76 29.83 -13.30
C GLU B 266 26.64 28.59 -12.42
N TRP B 267 26.69 28.79 -11.11
CA TRP B 267 26.56 27.68 -10.19
C TRP B 267 25.07 27.32 -9.98
N PHE B 268 24.18 28.22 -10.39
CA PHE B 268 22.75 27.97 -10.21
C PHE B 268 22.30 26.69 -10.91
N GLN B 269 22.76 26.51 -12.14
CA GLN B 269 22.42 25.31 -12.91
C GLN B 269 22.93 24.04 -12.23
N GLU B 270 23.96 24.19 -11.40
CA GLU B 270 24.53 23.05 -10.68
C GLU B 270 23.55 22.50 -9.64
N LEU B 271 22.52 23.27 -9.33
CA LEU B 271 21.50 22.86 -8.37
C LEU B 271 20.63 21.74 -8.95
N GLY B 272 20.58 21.67 -10.28
CA GLY B 272 19.80 20.64 -10.93
C GLY B 272 18.31 20.80 -10.74
N LEU B 273 17.85 22.04 -10.85
CA LEU B 273 16.46 22.37 -10.69
C LEU B 273 15.81 22.60 -12.04
N LYS B 274 14.52 22.34 -12.08
CA LYS B 274 13.70 22.54 -13.25
C LYS B 274 12.24 22.50 -12.79
N TRP B 275 11.33 22.90 -13.66
CA TRP B 275 9.92 22.87 -13.34
C TRP B 275 9.15 22.72 -14.65
N TYR B 276 7.94 22.17 -14.57
CA TYR B 276 7.10 22.02 -15.74
C TYR B 276 6.56 23.39 -16.16
N ALA B 277 6.24 23.53 -17.43
CA ALA B 277 5.74 24.79 -17.97
C ALA B 277 4.24 24.96 -17.92
N LEU B 278 3.52 23.90 -17.59
CA LEU B 278 2.07 23.94 -17.60
C LEU B 278 1.35 23.92 -16.27
N PRO B 279 0.79 25.07 -15.85
CA PRO B 279 0.06 25.20 -14.59
C PRO B 279 -1.39 24.84 -14.91
N ALA B 280 -1.77 23.61 -14.59
CA ALA B 280 -3.12 23.16 -14.90
C ALA B 280 -3.89 22.55 -13.71
N VAL B 281 -4.82 23.33 -13.18
CA VAL B 281 -5.65 22.91 -12.04
C VAL B 281 -6.54 21.76 -12.50
N ALA B 282 -6.50 20.66 -11.77
CA ALA B 282 -7.25 19.48 -12.18
C ALA B 282 -8.36 18.96 -11.29
N ASN B 283 -8.48 19.51 -10.07
CA ASN B 283 -9.47 19.01 -9.14
C ASN B 283 -10.65 19.90 -8.73
N MET B 284 -10.88 20.98 -9.46
CA MET B 284 -11.97 21.86 -9.14
C MET B 284 -13.29 21.52 -9.85
N LEU B 285 -14.39 21.97 -9.25
CA LEU B 285 -15.72 21.71 -9.78
C LEU B 285 -16.34 22.96 -10.38
N LEU B 286 -16.86 22.84 -11.60
CA LEU B 286 -17.50 23.98 -12.23
C LEU B 286 -19.00 23.92 -11.88
N GLU B 287 -19.56 25.06 -11.52
CA GLU B 287 -20.96 25.14 -11.18
C GLU B 287 -21.56 26.20 -12.08
N VAL B 288 -22.65 25.85 -12.74
CA VAL B 288 -23.35 26.76 -13.63
C VAL B 288 -24.83 26.38 -13.74
N GLY B 289 -25.71 27.36 -13.54
CA GLY B 289 -27.15 27.14 -13.63
C GLY B 289 -27.66 25.92 -12.88
N GLY B 290 -27.08 25.62 -11.73
CA GLY B 290 -27.53 24.48 -10.96
C GLY B 290 -26.80 23.20 -11.23
N LEU B 291 -26.15 23.15 -12.40
CA LEU B 291 -25.37 21.96 -12.78
C LEU B 291 -23.96 22.06 -12.20
N GLU B 292 -23.36 20.90 -11.94
CA GLU B 292 -22.02 20.83 -11.43
C GLU B 292 -21.17 19.84 -12.20
N PHE B 293 -20.04 20.32 -12.70
CA PHE B 293 -19.11 19.49 -13.46
C PHE B 293 -17.91 19.18 -12.56
N PRO B 294 -17.90 17.99 -11.94
CA PRO B 294 -16.84 17.51 -11.04
C PRO B 294 -15.46 17.32 -11.68
N ALA B 295 -15.41 17.29 -13.01
CA ALA B 295 -14.13 17.13 -13.72
C ALA B 295 -14.06 18.15 -14.84
N CYS B 296 -13.18 19.13 -14.68
CA CYS B 296 -13.02 20.19 -15.67
C CYS B 296 -11.65 20.84 -15.50
N PRO B 297 -10.59 20.15 -15.92
CA PRO B 297 -9.22 20.68 -15.81
C PRO B 297 -9.05 21.92 -16.65
N PHE B 298 -8.32 22.89 -16.11
CA PHE B 298 -8.08 24.11 -16.86
C PHE B 298 -6.64 24.56 -16.64
N ASN B 299 -6.21 25.51 -17.48
CA ASN B 299 -4.86 26.02 -17.33
C ASN B 299 -4.72 27.40 -17.91
N GLY B 300 -3.71 28.09 -17.41
CA GLY B 300 -3.37 29.40 -17.92
C GLY B 300 -1.87 29.25 -18.03
N TRP B 301 -1.12 30.32 -17.81
CA TRP B 301 0.33 30.21 -17.82
C TRP B 301 0.83 30.62 -16.43
N TYR B 302 2.11 30.39 -16.16
CA TYR B 302 2.66 30.71 -14.85
C TYR B 302 2.98 32.16 -14.55
N MET B 303 2.97 32.47 -13.26
CA MET B 303 3.36 33.77 -12.75
C MET B 303 4.64 33.33 -12.04
N GLY B 304 5.75 34.01 -12.32
CA GLY B 304 7.04 33.64 -11.76
C GLY B 304 7.14 33.24 -10.30
N THR B 305 6.45 33.97 -9.44
CA THR B 305 6.51 33.70 -8.00
C THR B 305 5.91 32.36 -7.54
N GLU B 306 5.05 31.77 -8.37
CA GLU B 306 4.44 30.48 -8.02
C GLU B 306 5.56 29.44 -7.92
N ILE B 307 6.46 29.49 -8.89
CA ILE B 307 7.59 28.59 -8.94
C ILE B 307 8.74 29.10 -8.08
N GLY B 308 9.20 30.31 -8.39
CA GLY B 308 10.34 30.86 -7.68
C GLY B 308 10.20 31.08 -6.18
N VAL B 309 9.01 31.44 -5.72
CA VAL B 309 8.82 31.70 -4.30
C VAL B 309 8.19 30.55 -3.56
N ARG B 310 7.03 30.11 -4.02
CA ARG B 310 6.30 29.04 -3.35
C ARG B 310 6.76 27.60 -3.57
N ASP B 311 6.87 27.18 -4.83
CA ASP B 311 7.29 25.80 -5.12
C ASP B 311 8.73 25.52 -4.69
N PHE B 312 9.65 26.43 -5.00
CA PHE B 312 11.03 26.26 -4.62
C PHE B 312 11.35 26.66 -3.17
N CYS B 313 10.79 27.78 -2.72
CA CYS B 313 11.10 28.28 -1.37
C CYS B 313 10.21 27.94 -0.17
N ASP B 314 9.00 27.46 -0.39
CA ASP B 314 8.18 27.06 0.75
C ASP B 314 8.96 26.01 1.49
N THR B 315 8.95 26.09 2.81
CA THR B 315 9.68 25.12 3.63
C THR B 315 9.05 23.74 3.48
N GLN B 316 7.79 23.70 3.03
CA GLN B 316 7.05 22.44 2.86
C GLN B 316 7.09 21.91 1.43
N ARG B 317 7.78 22.62 0.54
CA ARG B 317 7.89 22.19 -0.85
C ARG B 317 9.35 21.82 -1.12
N TYR B 318 10.03 22.53 -2.03
CA TYR B 318 11.41 22.19 -2.32
C TYR B 318 12.45 22.73 -1.34
N ASN B 319 12.08 23.76 -0.58
CA ASN B 319 12.93 24.35 0.45
C ASN B 319 14.39 24.57 0.03
N ILE B 320 14.61 25.32 -1.05
CA ILE B 320 15.96 25.54 -1.53
C ILE B 320 16.62 26.84 -1.05
N LEU B 321 15.92 27.60 -0.20
CA LEU B 321 16.43 28.88 0.27
C LEU B 321 17.83 28.90 0.92
N GLU B 322 18.06 28.02 1.88
CA GLU B 322 19.34 28.00 2.56
C GLU B 322 20.50 27.67 1.62
N GLU B 323 20.29 26.69 0.75
CA GLU B 323 21.31 26.28 -0.19
C GLU B 323 21.67 27.44 -1.10
N VAL B 324 20.66 28.15 -1.60
CA VAL B 324 20.91 29.28 -2.47
C VAL B 324 21.62 30.40 -1.72
N GLY B 325 21.19 30.66 -0.49
CA GLY B 325 21.81 31.70 0.30
C GLY B 325 23.27 31.39 0.56
N ARG B 326 23.52 30.14 0.96
CA ARG B 326 24.85 29.64 1.26
C ARG B 326 25.74 29.76 0.03
N ARG B 327 25.20 29.40 -1.13
CA ARG B 327 25.94 29.47 -2.38
C ARG B 327 26.20 30.90 -2.83
N MET B 328 25.37 31.83 -2.37
CA MET B 328 25.55 33.24 -2.71
C MET B 328 26.54 33.86 -1.74
N GLY B 329 26.93 33.11 -0.71
CA GLY B 329 27.87 33.60 0.29
C GLY B 329 27.27 34.57 1.29
N LEU B 330 25.97 34.43 1.55
CA LEU B 330 25.27 35.31 2.47
C LEU B 330 25.38 34.86 3.92
N GLU B 331 25.04 35.76 4.84
CA GLU B 331 25.10 35.50 6.28
C GLU B 331 23.90 34.65 6.69
N THR B 332 23.91 33.41 6.21
CA THR B 332 22.85 32.44 6.42
C THR B 332 22.38 32.17 7.86
N HIS B 333 23.23 32.45 8.84
CA HIS B 333 22.86 32.20 10.23
C HIS B 333 22.36 33.41 11.01
N THR B 334 22.21 34.54 10.33
CA THR B 334 21.72 35.75 10.97
C THR B 334 20.59 36.37 10.13
N LEU B 335 19.36 36.14 10.59
CA LEU B 335 18.15 36.63 9.93
C LEU B 335 18.15 38.10 9.59
N ALA B 336 18.65 38.93 10.50
CA ALA B 336 18.65 40.37 10.26
C ALA B 336 19.46 40.79 9.04
N SER B 337 20.28 39.88 8.50
CA SER B 337 21.08 40.20 7.32
C SER B 337 20.22 40.32 6.09
N LEU B 338 18.96 39.86 6.21
CA LEU B 338 18.00 39.87 5.11
C LEU B 338 18.49 39.00 3.94
N TRP B 339 19.20 37.92 4.28
CA TRP B 339 19.75 37.00 3.29
C TRP B 339 18.64 36.28 2.56
N LYS B 340 17.58 35.97 3.31
CA LYS B 340 16.42 35.31 2.75
C LYS B 340 15.82 36.19 1.65
N ASP B 341 15.78 37.50 1.91
CA ASP B 341 15.23 38.41 0.92
C ASP B 341 16.09 38.37 -0.33
N ARG B 342 17.41 38.52 -0.18
CA ARG B 342 18.33 38.51 -1.31
C ARG B 342 18.29 37.20 -2.13
N ALA B 343 18.22 36.07 -1.44
CA ALA B 343 18.20 34.76 -2.08
C ALA B 343 16.95 34.57 -2.95
N VAL B 344 15.78 34.68 -2.30
CA VAL B 344 14.50 34.50 -2.98
C VAL B 344 14.39 35.36 -4.25
N THR B 345 14.96 36.55 -4.23
CA THR B 345 14.89 37.40 -5.42
C THR B 345 15.77 36.87 -6.55
N GLU B 346 16.88 36.24 -6.20
CA GLU B 346 17.77 35.70 -7.21
C GLU B 346 17.15 34.44 -7.83
N ILE B 347 16.39 33.72 -7.03
CA ILE B 347 15.70 32.52 -7.48
C ILE B 347 14.58 32.92 -8.44
N ASN B 348 13.88 34.01 -8.15
CA ASN B 348 12.82 34.51 -9.03
C ASN B 348 13.43 34.94 -10.35
N VAL B 349 14.62 35.54 -10.26
CA VAL B 349 15.34 36.01 -11.45
C VAL B 349 15.71 34.80 -12.31
N ALA B 350 16.13 33.71 -11.66
CA ALA B 350 16.50 32.49 -12.36
C ALA B 350 15.28 31.93 -13.11
N VAL B 351 14.15 31.83 -12.41
CA VAL B 351 12.91 31.31 -12.97
C VAL B 351 12.49 32.09 -14.22
N LEU B 352 12.38 33.40 -14.09
CA LEU B 352 11.99 34.25 -15.22
C LEU B 352 12.99 34.14 -16.37
N HIS B 353 14.28 34.16 -16.01
CA HIS B 353 15.36 34.08 -16.99
C HIS B 353 15.27 32.80 -17.82
N SER B 354 15.16 31.67 -17.12
CA SER B 354 15.08 30.38 -17.76
C SER B 354 13.88 30.25 -18.70
N PHE B 355 12.69 30.58 -18.20
CA PHE B 355 11.49 30.51 -19.01
C PHE B 355 11.63 31.33 -20.28
N GLN B 356 12.09 32.57 -20.12
CA GLN B 356 12.27 33.47 -21.25
C GLN B 356 13.33 32.99 -22.26
N LYS B 357 14.41 32.43 -21.74
CA LYS B 357 15.51 31.93 -22.57
C LYS B 357 15.05 30.70 -23.36
N GLN B 358 14.26 29.85 -22.72
CA GLN B 358 13.75 28.65 -23.33
C GLN B 358 12.41 28.85 -24.05
N ASN B 359 12.05 30.12 -24.25
CA ASN B 359 10.83 30.51 -24.93
C ASN B 359 9.49 29.96 -24.42
N VAL B 360 9.37 29.88 -23.10
CA VAL B 360 8.16 29.39 -22.45
C VAL B 360 7.47 30.56 -21.76
N THR B 361 6.19 30.75 -22.04
CA THR B 361 5.41 31.84 -21.47
C THR B 361 5.43 31.87 -19.95
N ILE B 362 5.54 33.08 -19.42
CA ILE B 362 5.54 33.31 -17.98
C ILE B 362 5.46 34.81 -17.76
N MET B 363 4.87 35.25 -16.66
CA MET B 363 4.78 36.66 -16.37
C MET B 363 5.27 36.90 -14.97
N ASP B 364 5.95 38.03 -14.77
CA ASP B 364 6.47 38.37 -13.47
C ASP B 364 5.34 38.98 -12.64
N HIS B 365 5.52 38.94 -11.32
CA HIS B 365 4.58 39.45 -10.33
C HIS B 365 4.73 40.97 -10.15
N HIS B 366 4.43 41.74 -11.18
CA HIS B 366 4.50 43.20 -11.13
C HIS B 366 3.67 43.57 -12.33
N THR B 367 4.02 42.96 -13.45
CA THR B 367 3.33 43.15 -14.71
C THR B 367 1.93 42.57 -14.53
N ALA B 368 1.86 41.43 -13.86
CA ALA B 368 0.60 40.76 -13.60
C ALA B 368 -0.27 41.56 -12.66
N SER B 369 0.33 42.06 -11.57
CA SER B 369 -0.39 42.86 -10.58
C SER B 369 -0.95 44.07 -11.29
N GLU B 370 -0.13 44.71 -12.12
CA GLU B 370 -0.58 45.86 -12.87
C GLU B 370 -1.71 45.48 -13.82
N SER B 371 -1.64 44.28 -14.41
CA SER B 371 -2.68 43.86 -15.35
C SER B 371 -3.97 43.58 -14.59
N PHE B 372 -3.86 42.97 -13.41
CA PHE B 372 -5.05 42.70 -12.62
C PHE B 372 -5.74 44.01 -12.26
N MET B 373 -4.95 45.02 -11.94
CA MET B 373 -5.47 46.34 -11.62
C MET B 373 -6.21 46.97 -12.78
N LYS B 374 -5.75 46.71 -14.00
CA LYS B 374 -6.42 47.25 -15.19
C LYS B 374 -7.74 46.50 -15.39
N HIS B 375 -7.68 45.19 -15.14
CA HIS B 375 -8.85 44.32 -15.28
C HIS B 375 -9.93 44.73 -14.30
N MET B 376 -9.51 45.05 -13.07
CA MET B 376 -10.43 45.46 -12.02
C MET B 376 -11.18 46.73 -12.39
N GLN B 377 -10.47 47.75 -12.88
CA GLN B 377 -11.15 48.97 -13.25
C GLN B 377 -12.09 48.68 -14.40
N ASN B 378 -11.70 47.74 -15.26
CA ASN B 378 -12.54 47.36 -16.40
C ASN B 378 -13.82 46.71 -15.91
N GLU B 379 -13.69 45.81 -14.95
CA GLU B 379 -14.84 45.10 -14.38
C GLU B 379 -15.82 46.02 -13.69
N TYR B 380 -15.31 47.00 -12.96
CA TYR B 380 -16.16 47.94 -12.23
C TYR B 380 -17.04 48.75 -13.16
N ARG B 381 -16.50 49.17 -14.30
CA ARG B 381 -17.30 49.94 -15.21
C ARG B 381 -18.17 49.06 -16.11
N ALA B 382 -17.79 47.80 -16.26
CA ALA B 382 -18.54 46.87 -17.10
C ALA B 382 -19.71 46.24 -16.39
N ARG B 383 -19.50 45.84 -15.14
CA ARG B 383 -20.57 45.21 -14.39
C ARG B 383 -20.59 45.62 -12.91
N GLY B 384 -20.04 46.79 -12.62
CA GLY B 384 -20.02 47.32 -11.27
C GLY B 384 -19.45 46.44 -10.17
N GLY B 385 -18.35 45.76 -10.45
CA GLY B 385 -17.76 44.91 -9.42
C GLY B 385 -16.80 43.85 -9.92
N CYS B 386 -16.01 43.32 -8.99
CA CYS B 386 -15.04 42.27 -9.28
C CYS B 386 -14.70 41.55 -7.99
N PRO B 387 -15.16 40.30 -7.83
CA PRO B 387 -14.87 39.56 -6.60
C PRO B 387 -13.37 39.33 -6.47
N ALA B 388 -12.76 39.85 -5.41
CA ALA B 388 -11.33 39.68 -5.23
C ALA B 388 -10.94 39.24 -3.85
N ASP B 389 -10.08 38.25 -3.75
CA ASP B 389 -9.60 37.78 -2.47
C ASP B 389 -8.20 38.35 -2.29
N TRP B 390 -8.11 39.54 -1.70
CA TRP B 390 -6.84 40.22 -1.45
C TRP B 390 -5.73 39.30 -0.99
N ILE B 391 -6.05 38.38 -0.07
CA ILE B 391 -5.04 37.48 0.48
C ILE B 391 -4.35 36.60 -0.55
N TRP B 392 -5.08 36.21 -1.59
CA TRP B 392 -4.51 35.38 -2.66
C TRP B 392 -3.94 36.21 -3.80
N LEU B 393 -4.54 37.36 -4.08
CA LEU B 393 -4.10 38.22 -5.17
C LEU B 393 -2.75 38.92 -4.96
N VAL B 394 -2.38 39.24 -3.72
CA VAL B 394 -1.10 39.89 -3.44
C VAL B 394 0.01 38.84 -3.52
N PRO B 395 1.02 39.07 -4.37
CA PRO B 395 2.16 38.15 -4.55
C PRO B 395 2.87 37.79 -3.25
N PRO B 396 3.48 36.59 -3.17
CA PRO B 396 4.20 36.11 -1.98
C PRO B 396 5.49 36.86 -1.65
N VAL B 397 5.85 37.86 -2.47
CA VAL B 397 7.03 38.70 -2.23
C VAL B 397 6.68 40.07 -2.80
N SER B 398 7.39 41.09 -2.34
CA SER B 398 7.20 42.47 -2.81
C SER B 398 5.77 43.00 -2.63
N GLY B 399 5.06 42.46 -1.65
CA GLY B 399 3.68 42.86 -1.38
C GLY B 399 3.30 44.30 -1.62
N SER B 400 3.77 45.21 -0.76
CA SER B 400 3.41 46.62 -0.92
C SER B 400 4.04 47.29 -2.13
N ILE B 401 4.95 46.59 -2.82
CA ILE B 401 5.58 47.14 -4.01
C ILE B 401 4.61 46.99 -5.18
N THR B 402 3.76 45.97 -5.13
CA THR B 402 2.75 45.76 -6.17
C THR B 402 1.55 46.65 -5.86
N PRO B 403 0.82 47.12 -6.89
CA PRO B 403 -0.33 47.98 -6.63
C PRO B 403 -1.58 47.31 -6.05
N VAL B 404 -1.68 45.98 -6.16
CA VAL B 404 -2.84 45.30 -5.63
C VAL B 404 -2.90 45.37 -4.11
N PHE B 405 -1.74 45.55 -3.50
CA PHE B 405 -1.62 45.63 -2.05
C PHE B 405 -2.39 46.82 -1.50
N HIS B 406 -2.38 47.92 -2.23
CA HIS B 406 -3.05 49.16 -1.82
C HIS B 406 -4.48 49.30 -2.30
N GLN B 407 -4.99 48.22 -2.90
CA GLN B 407 -6.35 48.22 -3.44
C GLN B 407 -7.32 47.47 -2.52
N GLU B 408 -8.31 48.19 -2.01
CA GLU B 408 -9.32 47.57 -1.16
C GLU B 408 -10.21 46.74 -2.07
N MET B 409 -10.49 45.51 -1.64
CA MET B 409 -11.33 44.61 -2.42
C MET B 409 -12.36 43.84 -1.62
N LEU B 410 -13.44 43.49 -2.31
CA LEU B 410 -14.52 42.73 -1.71
C LEU B 410 -14.53 41.32 -2.27
N ASN B 411 -14.45 40.33 -1.39
CA ASN B 411 -14.47 38.94 -1.80
C ASN B 411 -15.88 38.36 -1.63
N TYR B 412 -16.46 37.85 -2.73
CA TYR B 412 -17.78 37.23 -2.68
C TYR B 412 -17.93 36.17 -3.75
N VAL B 413 -18.82 35.21 -3.51
CA VAL B 413 -19.06 34.09 -4.42
C VAL B 413 -20.25 34.28 -5.36
N LEU B 414 -19.98 34.27 -6.66
CA LEU B 414 -21.02 34.42 -7.66
C LEU B 414 -21.28 33.07 -8.34
N SER B 415 -21.92 33.12 -9.51
CA SER B 415 -22.19 31.91 -10.30
C SER B 415 -22.29 32.33 -11.76
N PRO B 416 -21.69 31.55 -12.68
CA PRO B 416 -20.87 30.32 -12.55
C PRO B 416 -19.64 30.51 -11.64
N PHE B 417 -19.09 29.40 -11.12
CA PHE B 417 -17.98 29.47 -10.18
C PHE B 417 -17.19 28.14 -10.12
N TYR B 418 -15.88 28.23 -9.84
CA TYR B 418 -15.04 27.04 -9.69
C TYR B 418 -14.89 26.84 -8.19
N TYR B 419 -15.31 25.68 -7.70
CA TYR B 419 -15.26 25.36 -6.27
C TYR B 419 -14.23 24.29 -6.02
N TYR B 420 -13.87 24.15 -4.75
CA TYR B 420 -12.96 23.09 -4.36
C TYR B 420 -13.87 21.88 -4.19
N GLN B 421 -13.26 20.73 -3.90
CA GLN B 421 -14.00 19.50 -3.67
C GLN B 421 -13.26 18.73 -2.61
N ILE B 422 -13.94 17.80 -1.94
CA ILE B 422 -13.30 16.99 -0.94
C ILE B 422 -12.44 15.99 -1.71
N GLU B 423 -11.29 15.63 -1.17
CA GLU B 423 -10.41 14.68 -1.84
C GLU B 423 -11.17 13.38 -2.05
N PRO B 424 -11.27 12.94 -3.31
CA PRO B 424 -11.97 11.72 -3.73
C PRO B 424 -11.64 10.43 -3.00
N TRP B 425 -10.38 10.25 -2.59
CA TRP B 425 -10.02 9.02 -1.87
C TRP B 425 -10.69 8.96 -0.50
N LYS B 426 -11.14 10.11 -0.02
CA LYS B 426 -11.83 10.21 1.25
C LYS B 426 -13.30 9.82 1.11
N THR B 427 -13.88 10.10 -0.04
CA THR B 427 -15.28 9.80 -0.31
C THR B 427 -15.43 8.88 -1.52
N HIS B 428 -15.10 7.60 -1.35
CA HIS B 428 -15.19 6.64 -2.45
C HIS B 428 -15.17 5.22 -1.92
N ILE B 429 -15.85 4.32 -2.63
CA ILE B 429 -15.91 2.91 -2.24
C ILE B 429 -15.53 2.00 -3.40
N TRP B 430 -14.91 0.86 -3.08
CA TRP B 430 -14.49 -0.14 -4.07
C TRP B 430 -15.72 -0.60 -4.85
N GLN B 431 -16.77 -0.96 -4.12
CA GLN B 431 -18.03 -1.41 -4.71
C GLN B 431 -19.23 -1.06 -3.83
S SO4 C . -2.96 -45.49 15.95
O1 SO4 C . -4.10 -45.27 16.88
O2 SO4 C . -3.05 -44.53 14.82
O3 SO4 C . -1.70 -45.28 16.69
O4 SO4 C . -3.00 -46.89 15.44
CHA HEM D . 8.78 -30.07 8.87
CHB HEM D . 12.65 -30.86 11.64
CHC HEM D . 9.87 -30.63 15.54
CHD HEM D . 5.97 -30.58 12.74
C1A HEM D . 10.09 -30.24 9.30
C2A HEM D . 11.28 -30.10 8.44
C3A HEM D . 12.34 -30.40 9.21
C4A HEM D . 11.83 -30.67 10.55
CMA HEM D . 13.79 -30.47 8.74
CAA HEM D . 11.39 -29.55 7.05
CBA HEM D . 10.94 -28.10 6.95
CGA HEM D . 11.22 -27.48 5.60
O1A HEM D . 10.73 -26.35 5.36
O2A HEM D . 11.93 -28.10 4.79
C1B HEM D . 12.23 -30.94 12.95
C2B HEM D . 13.14 -31.00 14.06
C3B HEM D . 12.40 -30.95 15.19
C4B HEM D . 10.99 -30.81 14.73
CMB HEM D . 14.66 -31.06 13.99
CAB HEM D . 12.95 -31.05 16.48
CBB HEM D . 12.25 -31.00 17.70
C1C HEM D . 8.56 -30.52 15.10
C2C HEM D . 7.42 -30.36 16.00
C3C HEM D . 6.30 -30.41 15.19
C4C HEM D . 6.80 -30.57 13.85
CMC HEM D . 7.47 -30.07 17.50
CAC HEM D . 4.95 -30.35 15.56
CBC HEM D . 4.46 -30.22 16.86
C1D HEM D . 6.40 -30.57 11.43
C2D HEM D . 5.49 -30.34 10.35
C3D HEM D . 6.23 -30.06 9.28
C4D HEM D . 7.65 -30.22 9.69
CMD HEM D . 3.98 -30.45 10.38
CAD HEM D . 5.57 -29.54 8.02
CBD HEM D . 6.39 -29.24 6.88
CGD HEM D . 5.63 -28.40 5.91
O1D HEM D . 5.84 -27.17 5.88
O2D HEM D . 4.81 -28.97 5.19
NA HEM D . 10.46 -30.58 10.60
NB HEM D . 10.92 -30.84 13.34
NC HEM D . 8.17 -30.63 13.78
ND HEM D . 7.71 -30.55 11.03
FE HEM D . 9.28 -31.06 12.16
N1 H4B E . 11.81 -31.05 1.44
C2 H4B E . 11.77 -30.24 2.46
N2 H4B E . 12.11 -30.70 3.68
N3 H4B E . 11.37 -28.95 2.35
C4 H4B E . 11.08 -28.44 1.14
O4 H4B E . 10.78 -27.28 0.99
C4A H4B E . 11.10 -29.32 0.01
C8A H4B E . 11.46 -30.61 0.18
N5 H4B E . 10.75 -28.84 -1.22
N8 H4B E . 11.48 -31.48 -0.92
C6 H4B E . 10.22 -29.80 -2.15
C7 H4B E . 11.32 -30.86 -2.30
C9 H4B E . 9.82 -29.02 -3.44
O9 H4B E . 11.02 -28.68 -4.06
C10 H4B E . 8.92 -29.81 -4.47
C11 H4B E . 9.10 -31.34 -4.41
O10 H4B E . 9.20 -29.43 -5.80
N I58 F . 12.80 -24.68 7.35
C I58 F . 13.43 -22.39 8.10
O I58 F . 13.29 -21.14 8.56
OXT I58 F . 14.59 -22.80 7.66
CA I58 F . 12.29 -23.47 8.04
CB I58 F . 11.80 -23.96 9.44
CG I58 F . 10.29 -24.25 9.60
F I58 F . 9.96 -23.86 10.89
CD I58 F . 9.95 -25.75 9.38
CE I58 F . 10.17 -26.62 10.63
NZ I58 F . 11.58 -26.71 10.95
CX I58 F . 11.95 -27.25 12.17
NX I58 F . 13.21 -27.68 12.37
CT I58 F . 10.85 -27.37 13.33
CHA HEM G . -5.38 30.81 -9.19
CHB HEM G . -2.51 33.05 -12.37
CHC HEM G . -5.38 31.61 -15.94
CHD HEM G . -8.57 30.00 -12.71
C1A HEM G . -4.30 31.49 -9.77
C2A HEM G . -3.09 31.89 -9.06
C3A HEM G . -2.35 32.57 -9.94
C4A HEM G . -3.06 32.56 -11.19
CMA HEM G . -0.99 33.23 -9.66
CAA HEM G . -2.62 31.48 -7.68
CBA HEM G . -2.41 29.97 -7.58
CGA HEM G . -1.76 29.56 -6.29
O1A HEM G . -1.66 28.34 -6.03
O2A HEM G . -1.34 30.44 -5.53
C1B HEM G . -3.09 32.93 -13.62
C2B HEM G . -2.42 33.34 -14.84
C3B HEM G . -3.19 32.94 -15.87
C4B HEM G . -4.35 32.26 -15.26
CMB HEM G . -1.06 34.03 -14.95
CAB HEM G . -2.88 33.23 -17.22
CBB HEM G . -3.63 32.88 -18.34
C1C HEM G . -6.48 30.97 -15.36
C2C HEM G . -7.53 30.33 -16.12
C3C HEM G . -8.48 29.94 -15.20
C4C HEM G . -7.95 30.32 -13.91
CMC HEM G . -7.52 30.07 -17.63
CAC HEM G . -9.71 29.30 -15.41
CBC HEM G . -10.23 28.93 -16.66
C1D HEM G . -8.03 30.20 -11.46
C2D HEM G . -8.62 29.65 -10.29
C3D HEM G . -7.73 29.74 -9.31
C4D HEM G . -6.57 30.45 -9.87
CMD HEM G . -10.04 29.10 -10.14
CAD HEM G . -7.97 29.01 -8.01
CBD HEM G . -6.98 29.12 -6.97
CGD HEM G . -7.19 28.05 -5.95
O1D HEM G . -6.48 27.03 -5.98
O2D HEM G . -8.10 28.23 -5.12
NA HEM G . -4.25 31.91 -11.09
NB HEM G . -4.28 32.29 -13.88
NC HEM G . -6.72 30.93 -14.00
ND HEM G . -6.79 30.73 -11.21
FE HEM G . -5.67 31.76 -12.49
N1 H4B H . -2.13 33.18 -1.90
C2 H4B H . -1.95 32.42 -2.94
N2 H4B H . -1.98 32.97 -4.17
N3 H4B H . -1.73 31.09 -2.82
C4 H4B H . -1.66 30.50 -1.60
O4 H4B H . -1.45 29.32 -1.45
C4A H4B H . -1.86 31.34 -0.46
C8A H4B H . -2.09 32.66 -0.62
N5 H4B H . -1.81 30.79 0.79
N8 H4B H . -2.29 33.48 0.50
C6 H4B H . -2.58 31.45 1.81
C7 H4B H . -2.04 32.88 1.87
C9 H4B H . -2.48 30.60 3.12
O9 H4B H . -1.16 30.76 3.59
C10 H4B H . -3.48 30.97 4.27
C11 H4B H . -3.97 32.44 4.23
O10 H4B H . -2.90 30.77 5.55
N I58 I . 0.67 27.60 -8.19
C I58 I . 2.08 25.74 -9.04
O I58 I . 2.40 24.51 -9.49
OXT I58 I . 3.01 26.61 -8.75
CA I58 I . 0.60 26.26 -8.83
CB I58 I . -0.22 26.47 -10.14
CG I58 I . -1.72 26.11 -10.12
F I58 I . -2.01 25.58 -11.36
CD I58 I . -2.61 27.35 -9.85
CE I58 I . -2.92 28.17 -11.11
NZ I58 I . -1.71 28.80 -11.61
CX I58 I . -1.76 29.41 -12.84
NX I58 I . -0.81 30.31 -13.19
CT I58 I . -2.92 29.03 -13.86
#